data_9DMI
#
_entry.id   9DMI
#
_cell.length_a   1.00
_cell.length_b   1.00
_cell.length_c   1.00
_cell.angle_alpha   90.00
_cell.angle_beta   90.00
_cell.angle_gamma   90.00
#
_symmetry.space_group_name_H-M   'P 1'
#
loop_
_entity.id
_entity.type
_entity.pdbx_description
1 polymer 'Leucine-rich repeat serine/threonine-protein kinase 2'
2 polymer 'E11 DARPin'
3 non-polymer "N-[3-tert-butyl-1-(4-methylphenyl)-1H-pyrazol-5-yl]-N'-{(3M)-3-[2-chloro-4-(morpholin-4-yl)-7H-pyrrolo[2,3-d]pyrimidin-5-yl]phenyl}urea"
#
loop_
_entity_poly.entity_id
_entity_poly.type
_entity_poly.pdbx_seq_one_letter_code
_entity_poly.pdbx_strand_id
1 'polypeptide(L)'
;NRMKLMIVGNTGSGKTTLLQQLMKTKKSDLGMQSATVGIDVKDWPIQIRDKRKRDLVLNVWDFAGREEFYSTHPHFMTQR
ALYLAVYDLSKGQAEVDAMKPWLFNIKARASSSPVILVGTHLDVSDEKQRKACMSKITKELLNKRGFPAIRDYHFVNATE
ESDALAKLRKTIINESLNFKIRDQLVVGQLIPDCYVELEKIILSERKNVPIEFPVIDRKRLLQLVRENQLQLDENELPHA
VHFLNESGVLLHFQDPALQLSDLYFVEPKWLCKIMAQILTVKVEGCPKHPKGIISRRDVEKFLSKKRKFPKNYMSQYFKL
LEKFQIALPIGEEYLLVPSSLSDHRPVIELPHCENSEIIIRLYEMPYFPMGFWSRLINRLLEISPYMLSGRERALRPNRM
YWRQGIYLNWSPEAYCLVGSEVLDNHPESFLKITVPSCRKGCILLGQVVDHIDSLMEEWFPGLLEIDICGEGETLLKKWA
LYSFNDGEEHQKILLDDLMKKAEEGDLLVNPDQPRLTIPISQIAPDLILADLPRNIMLNNDELEFEQAPEFLLGDGSFGS
VYRAAYEGEEVAVKIFNKHTSLRLLRQELVVLCHLHHPSLISLLAAGIRPRMLVMELASKGSLDRLLQQDKASLTRTLQH
RIALHVADGLRYLHSAMIIYRDLKPHNVLLFTLYPNAAIIAKIADYGIAQYCCRMGIKTSEGTPGFRAPEVARGNVIYNQ
QADVYSFGLLLYDILTTGGRIVEGLKFPNEFDELEIQGKLPDPVKEYGCAPWPMVEKLIKQCLKENPQERPTSAQVFDIL
NSAELVCLTRRILLPKNVIVECMVATHHNSRNASIWLGCGHTDRGQLSFLDLNTEGYTSEEVADSRILCLALVHLPVEKE
SWIVSGTQSGTLLVINTEDGKKRHTLEKMTDSVTCLYCNSFSKQSKQKNFLLVGTADGKLAIFEDKTVKLKGAAPLKILN
IGNVSTPLMCLSESTNSTERNVMWGGCGTKIFSFSNDFTIQKLIETRTSQLFSYAAFSDSNIITVVVDTALYIAKQNSPV
VEVWDKKTEKLCGLIDCVHFLREVMVKENKESKHKMSYSGRVKTLCLQKNTALWIGTGGGHILLLDLSTRRLIRVIYNFC
NSVRVMMTAQLGSLKNVMLVLGYNRKNTEGTQKQKEIQSCLTVWDINLPHEVQNLEKHIEVRKELAEKMRRTSVE
;
A
2 'polypeptide(L)'
;MRGSHHHHHHHHGSDLGKKLLEAARAGQDDEVRILMANGADVNATDEAGVTPLHLAADSGHLEIVEVLLKTGADVNAWDH
YGFTPLHLAAHVGHLEIVEVLLKAGADVNAQDHAGWTPLHLAALYGHLEIVEVLLKHGADVNAQDMWGETPFDLAIDNGN
EDIAEVLQKAAKLNDYKDDDDK
;
B
#
loop_
_chem_comp.id
_chem_comp.type
_chem_comp.name
_chem_comp.formula
A1A7Q non-polymer N-[3-tert-butyl-1-(4-methylphenyl)-1H-pyrazol-5-yl]-N'-{(3M)-3-[2-chloro-4-(morpholin-4-yl)-7H-pyrrolo[2,3-d]pyrimidin-5-yl]phenyl}urea 'C31 H33 Cl N8 O2'
#
# COMPACT_ATOMS: atom_id res chain seq x y z
N ARG A 2 6.56 3.50 -46.73
CA ARG A 2 7.63 3.61 -45.73
C ARG A 2 8.00 2.23 -45.17
N MET A 3 8.12 1.25 -46.06
CA MET A 3 8.49 -0.10 -45.64
C MET A 3 9.92 -0.12 -45.13
N LYS A 4 10.16 -0.91 -44.09
CA LYS A 4 11.41 -0.90 -43.35
C LYS A 4 12.50 -1.68 -44.07
N LEU A 5 13.57 -1.00 -44.46
CA LEU A 5 14.72 -1.62 -45.12
C LEU A 5 15.98 -1.27 -44.35
N MET A 6 16.82 -2.27 -44.10
CA MET A 6 18.06 -2.08 -43.36
C MET A 6 19.22 -2.71 -44.11
N ILE A 7 20.20 -1.90 -44.47
CA ILE A 7 21.44 -2.40 -45.07
C ILE A 7 22.36 -2.88 -43.95
N VAL A 8 22.63 -4.18 -43.94
CA VAL A 8 23.47 -4.77 -42.90
C VAL A 8 24.91 -4.96 -43.38
N GLY A 9 25.78 -4.01 -43.03
CA GLY A 9 27.18 -4.10 -43.38
C GLY A 9 28.09 -4.21 -42.18
N ASN A 10 29.23 -4.91 -42.32
CA ASN A 10 30.15 -5.03 -41.21
C ASN A 10 31.05 -3.81 -41.10
N THR A 11 31.87 -3.57 -42.12
CA THR A 11 32.72 -2.38 -42.17
C THR A 11 31.98 -1.17 -42.71
N GLY A 12 30.66 -1.28 -42.85
CA GLY A 12 29.88 -0.20 -43.42
C GLY A 12 30.21 0.11 -44.86
N SER A 13 30.41 -0.92 -45.69
CA SER A 13 30.75 -0.70 -47.10
C SER A 13 29.66 0.11 -47.79
N GLY A 14 28.44 0.06 -47.24
CA GLY A 14 27.38 0.91 -47.72
C GLY A 14 27.78 2.37 -47.67
N LYS A 15 28.09 2.89 -46.47
CA LYS A 15 28.36 4.31 -46.35
C LYS A 15 29.70 4.69 -46.98
N THR A 16 30.53 3.70 -47.31
CA THR A 16 31.79 4.00 -47.99
C THR A 16 31.54 4.49 -49.42
N THR A 17 30.97 3.64 -50.26
CA THR A 17 30.77 3.98 -51.66
C THR A 17 29.39 3.63 -52.22
N LEU A 18 28.53 2.94 -51.48
CA LEU A 18 27.33 2.33 -52.04
C LEU A 18 26.09 3.20 -51.95
N LEU A 19 26.07 4.21 -51.07
CA LEU A 19 24.87 5.03 -50.88
C LEU A 19 24.43 5.67 -52.19
N GLN A 20 25.29 6.50 -52.78
CA GLN A 20 24.93 7.13 -54.04
C GLN A 20 24.74 6.10 -55.15
N GLN A 21 25.45 4.98 -55.05
CA GLN A 21 25.22 3.87 -55.98
C GLN A 21 23.82 3.29 -55.81
N LEU A 22 23.39 3.09 -54.56
CA LEU A 22 22.08 2.50 -54.32
C LEU A 22 20.96 3.48 -54.62
N MET A 23 21.17 4.77 -54.35
CA MET A 23 20.14 5.77 -54.60
C MET A 23 19.89 5.91 -56.11
N GLY A 38 28.04 5.12 -37.24
CA GLY A 38 26.83 5.87 -36.98
C GLY A 38 25.66 5.42 -37.83
N ILE A 39 24.46 5.49 -37.27
CA ILE A 39 23.26 5.06 -37.97
C ILE A 39 22.76 6.22 -38.82
N ASP A 40 22.57 5.97 -40.11
CA ASP A 40 22.11 6.98 -41.04
C ASP A 40 20.71 6.61 -41.55
N VAL A 41 19.83 7.61 -41.63
CA VAL A 41 18.45 7.41 -42.04
C VAL A 41 18.19 8.36 -43.21
N LYS A 42 17.67 7.81 -44.30
CA LYS A 42 17.26 8.63 -45.44
C LYS A 42 16.20 7.88 -46.24
N ASP A 43 15.40 8.65 -46.98
CA ASP A 43 14.28 8.11 -47.72
C ASP A 43 14.67 7.76 -49.14
N TRP A 44 14.21 6.60 -49.61
CA TRP A 44 14.54 6.09 -50.94
C TRP A 44 13.25 5.72 -51.66
N PRO A 45 12.60 6.66 -52.34
CA PRO A 45 11.38 6.33 -53.09
C PRO A 45 11.67 5.48 -54.32
N ILE A 46 10.62 4.82 -54.80
CA ILE A 46 10.71 4.03 -56.03
C ILE A 46 9.91 4.70 -57.14
N LEU A 56 7.12 3.37 -54.42
CA LEU A 56 6.93 2.94 -53.05
C LEU A 56 8.02 3.56 -52.16
N VAL A 57 7.62 4.06 -51.00
CA VAL A 57 8.53 4.73 -50.08
C VAL A 57 9.24 3.68 -49.23
N LEU A 58 10.57 3.77 -49.19
CA LEU A 58 11.39 2.90 -48.35
C LEU A 58 12.29 3.76 -47.48
N ASN A 59 12.37 3.40 -46.20
CA ASN A 59 13.19 4.12 -45.21
C ASN A 59 14.39 3.23 -44.91
N VAL A 60 15.54 3.58 -45.49
CA VAL A 60 16.74 2.77 -45.36
C VAL A 60 17.51 3.21 -44.11
N TRP A 61 17.97 2.23 -43.33
CA TRP A 61 18.86 2.47 -42.20
C TRP A 61 20.22 1.85 -42.48
N ASP A 62 21.28 2.55 -42.06
CA ASP A 62 22.65 2.10 -42.21
C ASP A 62 23.25 1.83 -40.85
N PHE A 63 24.00 0.73 -40.73
CA PHE A 63 24.72 0.42 -39.51
C PHE A 63 26.20 0.73 -39.67
N ALA A 64 27.04 0.33 -38.72
CA ALA A 64 28.43 0.77 -38.74
C ALA A 64 29.34 -0.37 -38.28
N GLY A 65 30.64 -0.07 -38.25
CA GLY A 65 31.68 -1.00 -37.88
C GLY A 65 32.13 -0.93 -36.44
N ARG A 66 31.67 0.04 -35.67
CA ARG A 66 31.97 0.11 -34.23
C ARG A 66 30.84 -0.47 -33.40
N GLU A 67 30.11 -1.45 -33.93
CA GLU A 67 28.93 -1.98 -33.27
C GLU A 67 29.31 -2.71 -31.97
N GLU A 68 28.51 -2.51 -30.92
CA GLU A 68 28.57 -3.33 -29.73
C GLU A 68 27.24 -3.99 -29.39
N PHE A 69 26.17 -3.22 -29.24
CA PHE A 69 24.86 -3.75 -28.92
C PHE A 69 23.79 -2.74 -29.34
N TYR A 70 23.15 -2.99 -30.49
CA TYR A 70 21.99 -2.22 -30.90
C TYR A 70 20.93 -3.08 -31.58
N SER A 71 21.06 -4.41 -31.53
CA SER A 71 20.24 -5.29 -32.35
C SER A 71 18.78 -5.32 -31.92
N THR A 72 18.34 -4.40 -31.07
CA THR A 72 16.92 -4.33 -30.71
C THR A 72 16.06 -4.03 -31.93
N HIS A 73 16.52 -3.15 -32.80
CA HIS A 73 15.75 -2.82 -34.00
C HIS A 73 15.50 -4.02 -34.92
N PRO A 74 16.49 -4.87 -35.25
CA PRO A 74 16.18 -6.05 -36.07
C PRO A 74 15.01 -6.87 -35.55
N LEU A 82 13.58 -4.72 -44.18
CA LEU A 82 14.35 -5.52 -45.12
C LEU A 82 15.82 -5.65 -44.73
N TYR A 83 16.51 -6.57 -45.39
CA TYR A 83 17.91 -6.85 -45.13
C TYR A 83 18.65 -7.00 -46.46
N LEU A 84 19.94 -6.70 -46.44
CA LEU A 84 20.81 -6.94 -47.59
C LEU A 84 22.24 -7.10 -47.06
N ALA A 85 22.70 -8.34 -47.03
CA ALA A 85 24.02 -8.63 -46.47
C ALA A 85 25.12 -8.19 -47.42
N VAL A 86 26.07 -7.43 -46.89
CA VAL A 86 27.18 -6.89 -47.66
C VAL A 86 28.48 -7.42 -47.09
N TYR A 87 29.35 -7.93 -47.96
CA TYR A 87 30.61 -8.51 -47.54
C TYR A 87 31.61 -8.48 -48.69
N ASP A 88 32.89 -8.41 -48.35
CA ASP A 88 33.96 -8.44 -49.33
C ASP A 88 34.50 -9.85 -49.50
N LEU A 89 35.05 -10.11 -50.68
CA LEU A 89 35.66 -11.40 -50.97
C LEU A 89 37.15 -11.32 -51.26
N SER A 90 37.64 -10.16 -51.71
CA SER A 90 39.00 -10.08 -52.23
C SER A 90 40.06 -10.33 -51.17
N LYS A 91 39.76 -10.08 -49.90
CA LYS A 91 40.76 -10.27 -48.85
C LYS A 91 40.99 -11.75 -48.53
N GLY A 92 40.03 -12.61 -48.89
CA GLY A 92 40.16 -14.03 -48.60
C GLY A 92 38.85 -14.68 -48.20
N GLN A 93 38.86 -15.48 -47.13
CA GLN A 93 37.67 -16.17 -46.67
C GLN A 93 37.36 -15.96 -45.20
N ALA A 94 38.29 -15.44 -44.40
CA ALA A 94 38.01 -15.18 -43.00
C ALA A 94 36.95 -14.09 -42.84
N GLU A 95 36.99 -13.06 -43.69
CA GLU A 95 36.00 -12.00 -43.63
C GLU A 95 34.64 -12.46 -44.11
N VAL A 96 34.59 -13.40 -45.05
CA VAL A 96 33.31 -13.89 -45.56
C VAL A 96 32.59 -14.70 -44.48
N ASP A 97 33.31 -15.47 -43.69
CA ASP A 97 32.71 -16.24 -42.60
C ASP A 97 32.68 -15.42 -41.31
N ALA A 98 32.00 -14.26 -41.39
CA ALA A 98 31.95 -13.36 -40.25
C ALA A 98 30.57 -12.86 -39.87
N MET A 99 29.54 -13.02 -40.70
CA MET A 99 28.21 -12.53 -40.39
C MET A 99 27.38 -13.52 -39.58
N LYS A 100 28.01 -14.49 -38.92
CA LYS A 100 27.24 -15.45 -38.13
C LYS A 100 26.37 -14.79 -37.07
N PRO A 101 26.85 -13.86 -36.24
CA PRO A 101 25.93 -13.17 -35.33
C PRO A 101 24.95 -12.26 -36.06
N TRP A 102 25.32 -11.83 -37.28
CA TRP A 102 24.46 -10.91 -38.03
C TRP A 102 23.12 -11.54 -38.36
N LEU A 103 23.14 -12.79 -38.82
CA LEU A 103 21.91 -13.44 -39.25
C LEU A 103 21.08 -13.90 -38.04
N PHE A 104 21.74 -14.29 -36.95
CA PHE A 104 20.99 -14.75 -35.79
C PHE A 104 20.29 -13.61 -35.07
N ASN A 105 20.78 -12.38 -35.23
CA ASN A 105 20.10 -11.24 -34.64
C ASN A 105 18.75 -10.97 -35.28
N ILE A 106 18.54 -11.45 -36.51
CA ILE A 106 17.30 -11.16 -37.24
C ILE A 106 16.11 -11.79 -36.54
N LYS A 107 16.21 -13.09 -36.22
CA LYS A 107 15.14 -13.76 -35.50
C LYS A 107 15.09 -13.38 -34.03
N ALA A 108 16.10 -12.70 -33.52
CA ALA A 108 16.11 -12.25 -32.13
C ALA A 108 15.57 -10.83 -32.01
N PRO A 114 13.37 -11.51 -44.58
CA PRO A 114 13.96 -11.56 -45.93
C PRO A 114 15.42 -11.10 -45.93
N VAL A 115 16.36 -12.02 -46.16
CA VAL A 115 17.78 -11.68 -46.17
C VAL A 115 18.35 -12.01 -47.54
N ILE A 116 19.13 -11.07 -48.08
CA ILE A 116 19.82 -11.25 -49.36
C ILE A 116 21.28 -10.86 -49.15
N LEU A 117 22.19 -11.69 -49.66
CA LEU A 117 23.62 -11.49 -49.49
C LEU A 117 24.22 -10.98 -50.78
N VAL A 118 24.98 -9.89 -50.69
CA VAL A 118 25.65 -9.31 -51.85
C VAL A 118 27.12 -9.15 -51.53
N GLY A 119 27.98 -9.49 -52.49
CA GLY A 119 29.39 -9.24 -52.35
C GLY A 119 29.73 -7.81 -52.74
N THR A 120 31.01 -7.49 -52.61
CA THR A 120 31.52 -6.18 -52.98
C THR A 120 32.01 -6.14 -54.43
N HIS A 121 32.85 -5.15 -54.73
CA HIS A 121 33.25 -4.85 -56.10
C HIS A 121 33.70 -6.09 -56.86
N LEU A 122 34.54 -6.92 -56.24
CA LEU A 122 35.10 -8.15 -56.81
C LEU A 122 36.08 -7.89 -57.94
N ASP A 123 36.26 -6.64 -58.36
CA ASP A 123 37.18 -6.32 -59.45
C ASP A 123 38.61 -6.14 -58.99
N VAL A 124 38.86 -6.11 -57.68
CA VAL A 124 40.19 -5.93 -57.15
C VAL A 124 40.47 -6.96 -56.07
N GLN A 129 37.78 -17.48 -60.58
CA GLN A 129 38.48 -16.57 -59.68
C GLN A 129 37.58 -16.13 -58.53
N ARG A 130 36.90 -14.99 -58.72
CA ARG A 130 35.99 -14.49 -57.70
C ARG A 130 34.83 -15.45 -57.47
N LYS A 131 34.27 -16.01 -58.56
CA LYS A 131 33.22 -16.99 -58.42
C LYS A 131 33.73 -18.25 -57.73
N ALA A 132 34.95 -18.67 -58.06
CA ALA A 132 35.56 -19.80 -57.37
C ALA A 132 35.76 -19.48 -55.89
N CYS A 133 36.17 -18.25 -55.58
CA CYS A 133 36.27 -17.83 -54.19
C CYS A 133 34.91 -17.86 -53.51
N MET A 134 33.87 -17.42 -54.20
CA MET A 134 32.53 -17.47 -53.62
C MET A 134 32.00 -18.89 -53.57
N SER A 135 32.56 -19.78 -54.39
CA SER A 135 32.03 -21.14 -54.48
C SER A 135 32.10 -21.85 -53.14
N LYS A 136 33.23 -21.74 -52.45
CA LYS A 136 33.31 -22.28 -51.09
C LYS A 136 32.38 -21.50 -50.16
N ILE A 137 32.26 -20.19 -50.38
CA ILE A 137 31.39 -19.37 -49.54
C ILE A 137 29.93 -19.75 -49.76
N THR A 138 29.51 -19.83 -51.02
CA THR A 138 28.11 -20.12 -51.33
C THR A 138 27.72 -21.52 -50.86
N LYS A 139 28.60 -22.50 -51.04
CA LYS A 139 28.32 -23.85 -50.62
C LYS A 139 28.16 -23.92 -49.09
N GLU A 140 29.02 -23.21 -48.37
CA GLU A 140 28.95 -23.25 -46.91
C GLU A 140 27.73 -22.48 -46.39
N LEU A 141 27.50 -21.29 -46.94
CA LEU A 141 26.46 -20.42 -46.39
C LEU A 141 25.06 -20.95 -46.68
N LEU A 142 24.80 -21.36 -47.93
CA LEU A 142 23.45 -21.75 -48.31
C LEU A 142 23.08 -23.12 -47.75
N ASN A 143 24.07 -23.94 -47.42
CA ASN A 143 23.80 -25.30 -46.99
C ASN A 143 23.10 -25.33 -45.64
N LYS A 144 22.19 -26.29 -45.48
CA LYS A 144 21.50 -26.58 -44.22
C LYS A 144 20.77 -25.32 -43.75
N ARG A 145 20.75 -25.02 -42.46
CA ARG A 145 19.98 -23.91 -41.92
C ARG A 145 20.51 -23.57 -40.54
N GLY A 146 19.70 -22.88 -39.76
CA GLY A 146 20.09 -22.38 -38.46
C GLY A 146 20.13 -20.87 -38.53
N PHE A 147 20.63 -20.39 -39.66
CA PHE A 147 20.51 -18.99 -40.02
C PHE A 147 19.19 -18.77 -40.77
N PRO A 148 18.70 -17.53 -40.84
CA PRO A 148 17.51 -17.28 -41.63
C PRO A 148 17.73 -17.58 -43.10
N ALA A 149 16.64 -17.97 -43.78
CA ALA A 149 16.72 -18.39 -45.17
C ALA A 149 17.20 -17.24 -46.06
N ILE A 150 18.30 -17.48 -46.77
CA ILE A 150 18.82 -16.49 -47.71
C ILE A 150 17.87 -16.41 -48.89
N ARG A 151 17.50 -15.18 -49.27
CA ARG A 151 16.61 -15.02 -50.40
C ARG A 151 17.36 -15.14 -51.72
N ASP A 152 18.60 -14.65 -51.78
CA ASP A 152 19.36 -14.65 -53.01
C ASP A 152 20.84 -14.52 -52.69
N TYR A 153 21.68 -15.23 -53.46
CA TYR A 153 23.13 -15.08 -53.38
C TYR A 153 23.58 -14.32 -54.63
N HIS A 154 23.82 -13.01 -54.47
CA HIS A 154 24.10 -12.12 -55.59
C HIS A 154 25.42 -11.42 -55.35
N PHE A 155 25.96 -10.82 -56.41
CA PHE A 155 27.22 -10.09 -56.36
C PHE A 155 27.11 -8.84 -57.22
N VAL A 156 27.90 -7.82 -56.87
CA VAL A 156 27.91 -6.55 -57.59
C VAL A 156 29.27 -6.38 -58.24
N ASN A 157 29.31 -5.64 -59.35
CA ASN A 157 30.52 -5.45 -60.15
C ASN A 157 30.93 -3.99 -60.10
N ALA A 158 31.92 -3.68 -59.26
CA ALA A 158 32.57 -2.38 -59.19
C ALA A 158 31.65 -1.28 -58.69
N THR A 159 32.23 -0.11 -58.38
CA THR A 159 31.47 1.04 -57.92
C THR A 159 31.15 2.03 -59.04
N GLU A 160 31.99 2.11 -60.07
CA GLU A 160 31.75 3.08 -61.15
C GLU A 160 30.42 2.80 -61.85
N GLU A 161 30.19 1.55 -62.24
CA GLU A 161 28.92 1.17 -62.82
C GLU A 161 28.80 -0.35 -62.76
N SER A 162 27.58 -0.84 -62.54
CA SER A 162 27.34 -2.26 -62.40
C SER A 162 26.09 -2.64 -63.16
N ASP A 163 26.22 -3.60 -64.08
CA ASP A 163 25.05 -4.17 -64.73
C ASP A 163 24.25 -5.01 -63.73
N ALA A 164 24.94 -5.72 -62.84
CA ALA A 164 24.28 -6.52 -61.83
C ALA A 164 23.47 -5.69 -60.86
N LEU A 165 23.72 -4.37 -60.80
CA LEU A 165 22.89 -3.50 -59.97
C LEU A 165 21.44 -3.55 -60.41
N ALA A 166 21.20 -3.48 -61.72
CA ALA A 166 19.83 -3.63 -62.22
C ALA A 166 19.29 -5.01 -61.88
N LYS A 167 20.11 -6.05 -62.03
CA LYS A 167 19.70 -7.38 -61.58
C LYS A 167 19.49 -7.41 -60.07
N LEU A 168 20.36 -6.72 -59.32
CA LEU A 168 20.15 -6.59 -57.89
C LEU A 168 18.90 -5.78 -57.58
N ARG A 169 18.66 -4.71 -58.35
CA ARG A 169 17.59 -3.78 -57.99
C ARG A 169 16.23 -4.46 -58.00
N LYS A 170 15.97 -5.29 -59.02
CA LYS A 170 14.68 -5.97 -59.10
C LYS A 170 14.56 -7.07 -58.05
N THR A 171 15.68 -7.61 -57.58
CA THR A 171 15.63 -8.55 -56.47
C THR A 171 15.19 -7.87 -55.19
N ILE A 172 15.55 -6.60 -55.01
CA ILE A 172 15.02 -5.84 -53.87
C ILE A 172 13.53 -5.59 -54.06
N ILE A 173 13.11 -5.27 -55.28
CA ILE A 173 11.74 -4.84 -55.53
C ILE A 173 10.76 -5.99 -55.35
N ASN A 174 11.07 -7.16 -55.91
CA ASN A 174 10.10 -8.25 -55.94
C ASN A 174 9.79 -8.76 -54.54
N GLU A 175 10.81 -8.87 -53.68
CA GLU A 175 10.61 -9.35 -52.32
C GLU A 175 10.19 -8.26 -51.34
N SER A 176 10.41 -6.98 -51.68
CA SER A 176 9.91 -5.91 -50.82
C SER A 176 8.38 -5.90 -50.81
N LEU A 177 7.76 -6.08 -51.98
CA LEU A 177 6.31 -6.15 -52.07
C LEU A 177 5.76 -7.52 -51.69
N ASN A 178 6.62 -8.54 -51.59
CA ASN A 178 6.20 -9.88 -51.25
C ASN A 178 7.18 -10.55 -50.30
N VAL A 196 -3.64 1.91 -40.24
CA VAL A 196 -4.77 2.81 -40.32
C VAL A 196 -4.30 4.17 -40.84
N GLU A 197 -5.09 4.77 -41.72
CA GLU A 197 -4.65 5.96 -42.43
C GLU A 197 -4.54 7.17 -41.50
N LEU A 198 -5.39 7.24 -40.46
CA LEU A 198 -5.47 8.47 -39.67
C LEU A 198 -4.18 8.72 -38.89
N GLU A 199 -3.52 7.67 -38.42
CA GLU A 199 -2.22 7.85 -37.77
C GLU A 199 -1.18 8.33 -38.76
N LYS A 200 -1.23 7.84 -40.00
CA LYS A 200 -0.25 8.24 -41.00
C LYS A 200 -0.32 9.73 -41.29
N ILE A 201 -1.52 10.28 -41.39
CA ILE A 201 -1.67 11.72 -41.61
C ILE A 201 -1.14 12.50 -40.42
N ILE A 202 -1.45 12.04 -39.20
CA ILE A 202 -0.93 12.68 -38.00
C ILE A 202 0.58 12.50 -37.92
N LEU A 203 1.08 11.35 -38.35
CA LEU A 203 2.52 11.13 -38.36
C LEU A 203 3.22 12.11 -39.30
N SER A 204 2.64 12.34 -40.48
CA SER A 204 3.21 13.31 -41.40
C SER A 204 3.18 14.72 -40.82
N GLU A 205 2.16 15.03 -40.03
CA GLU A 205 1.99 16.38 -39.51
C GLU A 205 3.07 16.72 -38.49
N ARG A 206 3.41 15.78 -37.60
CA ARG A 206 4.28 16.11 -36.48
C ARG A 206 5.71 16.39 -36.93
N LYS A 207 6.20 15.63 -37.92
CA LYS A 207 7.55 15.88 -38.42
C LYS A 207 7.66 17.25 -39.06
N ASN A 208 6.57 17.75 -39.66
CA ASN A 208 6.56 19.10 -40.18
C ASN A 208 6.77 20.12 -39.07
N VAL A 209 6.15 19.90 -37.92
CA VAL A 209 6.30 20.79 -36.77
C VAL A 209 7.70 20.68 -36.20
N PHE A 243 0.05 2.30 -36.44
CA PHE A 243 0.75 1.24 -37.17
C PHE A 243 2.03 1.77 -37.81
N LEU A 244 2.26 3.08 -37.67
CA LEU A 244 3.44 3.68 -38.26
C LEU A 244 4.69 3.38 -37.46
N ASN A 245 4.55 3.18 -36.14
CA ASN A 245 5.70 3.05 -35.26
C ASN A 245 6.54 1.83 -35.64
N GLU A 246 5.90 0.68 -35.86
CA GLU A 246 6.65 -0.51 -36.24
C GLU A 246 7.12 -0.45 -37.69
N SER A 247 6.64 0.54 -38.46
CA SER A 247 7.07 0.73 -39.83
C SER A 247 8.25 1.70 -39.95
N GLY A 248 8.81 2.14 -38.83
CA GLY A 248 9.95 3.02 -38.84
C GLY A 248 9.63 4.50 -38.78
N VAL A 249 8.35 4.87 -38.87
CA VAL A 249 7.99 6.29 -38.78
C VAL A 249 8.20 6.80 -37.36
N LEU A 250 7.91 5.98 -36.35
CA LEU A 250 8.10 6.34 -34.96
C LEU A 250 8.93 5.30 -34.23
N LEU A 251 9.83 5.77 -33.37
CA LEU A 251 10.63 4.88 -32.54
C LEU A 251 9.86 4.45 -31.30
N ASP A 262 3.93 3.96 -29.60
CA ASP A 262 4.74 4.51 -28.52
C ASP A 262 4.88 6.03 -28.69
N LEU A 263 5.98 6.58 -28.17
CA LEU A 263 6.26 8.00 -28.34
C LEU A 263 7.76 8.21 -28.42
N TYR A 264 8.17 9.19 -29.23
CA TYR A 264 9.56 9.58 -29.35
C TYR A 264 9.60 11.05 -29.78
N PHE A 265 10.74 11.68 -29.54
CA PHE A 265 10.90 13.10 -29.85
C PHE A 265 11.35 13.26 -31.28
N VAL A 266 10.59 14.06 -32.04
CA VAL A 266 10.87 14.34 -33.44
C VAL A 266 10.98 13.03 -34.21
N GLU A 267 11.82 13.02 -35.25
CA GLU A 267 11.99 11.84 -36.08
C GLU A 267 12.75 10.75 -35.32
N PRO A 268 12.52 9.48 -35.69
CA PRO A 268 13.31 8.39 -35.07
C PRO A 268 14.78 8.47 -35.43
N LYS A 269 15.13 9.24 -36.47
CA LYS A 269 16.53 9.42 -36.84
C LYS A 269 17.33 10.04 -35.70
N TRP A 270 16.73 10.99 -34.98
CA TRP A 270 17.49 11.72 -33.96
C TRP A 270 17.93 10.78 -32.85
N LEU A 271 17.04 9.88 -32.41
CA LEU A 271 17.41 8.95 -31.35
C LEU A 271 18.60 8.09 -31.75
N CYS A 272 18.59 7.58 -32.99
CA CYS A 272 19.77 6.88 -33.48
C CYS A 272 20.93 7.84 -33.67
N LYS A 273 20.63 9.10 -34.03
CA LYS A 273 21.69 10.08 -34.22
C LYS A 273 22.38 10.42 -32.91
N ILE A 274 21.60 10.68 -31.85
CA ILE A 274 22.21 10.99 -30.56
C ILE A 274 22.83 9.73 -29.96
N MET A 275 22.27 8.56 -30.26
CA MET A 275 22.89 7.32 -29.84
C MET A 275 24.26 7.15 -30.48
N ALA A 276 24.43 7.66 -31.70
CA ALA A 276 25.74 7.65 -32.33
C ALA A 276 26.73 8.54 -31.56
N GLN A 277 26.22 9.62 -30.96
CA GLN A 277 27.06 10.42 -30.08
C GLN A 277 27.57 9.59 -28.92
N ILE A 278 26.70 8.73 -28.37
CA ILE A 278 27.15 7.77 -27.37
C ILE A 278 28.15 6.79 -27.98
N LEU A 279 27.92 6.39 -29.23
CA LEU A 279 28.82 5.45 -29.88
C LEU A 279 30.21 6.04 -30.03
N THR A 280 30.30 7.31 -30.45
CA THR A 280 31.60 7.91 -30.68
C THR A 280 32.27 8.32 -29.37
N VAL A 281 31.50 8.81 -28.41
CA VAL A 281 32.05 9.23 -27.13
C VAL A 281 31.19 8.75 -25.98
N ARG A 307 25.63 16.25 -31.21
CA ARG A 307 26.56 17.32 -30.89
C ARG A 307 26.17 18.00 -29.58
N LYS A 308 26.09 19.34 -29.62
CA LYS A 308 25.68 20.08 -28.43
C LYS A 308 24.22 19.77 -28.09
N PHE A 309 23.98 19.41 -26.83
CA PHE A 309 22.66 19.02 -26.38
C PHE A 309 22.36 19.64 -25.03
N PRO A 310 21.09 19.93 -24.75
CA PRO A 310 20.74 20.58 -23.48
C PRO A 310 21.03 19.69 -22.29
N LYS A 311 21.49 20.30 -21.19
CA LYS A 311 21.79 19.55 -19.99
C LYS A 311 20.53 19.27 -19.17
N ASN A 312 19.43 19.95 -19.48
CA ASN A 312 18.22 19.82 -18.68
C ASN A 312 17.59 18.44 -18.85
N TYR A 313 17.72 17.83 -20.02
CA TYR A 313 17.12 16.54 -20.32
C TYR A 313 18.13 15.40 -20.30
N MET A 314 19.35 15.64 -19.81
CA MET A 314 20.36 14.58 -19.81
C MET A 314 20.05 13.51 -18.78
N SER A 315 19.37 13.87 -17.69
CA SER A 315 18.99 12.88 -16.68
C SER A 315 18.07 11.82 -17.27
N GLN A 316 17.11 12.24 -18.09
CA GLN A 316 16.24 11.27 -18.76
C GLN A 316 17.00 10.46 -19.80
N TYR A 317 17.95 11.10 -20.49
CA TYR A 317 18.65 10.42 -21.58
C TYR A 317 19.49 9.26 -21.06
N PHE A 318 20.16 9.45 -19.92
CA PHE A 318 20.95 8.36 -19.35
C PHE A 318 20.06 7.19 -18.95
N LYS A 319 18.82 7.46 -18.52
CA LYS A 319 17.89 6.39 -18.24
C LYS A 319 17.61 5.56 -19.49
N LEU A 320 17.39 6.23 -20.63
CA LEU A 320 17.27 5.52 -21.89
C LEU A 320 18.59 4.87 -22.28
N LEU A 321 19.70 5.57 -22.04
CA LEU A 321 21.01 5.00 -22.32
C LEU A 321 21.29 3.78 -21.43
N GLU A 322 20.89 3.86 -20.17
CA GLU A 322 21.08 2.72 -19.27
C GLU A 322 20.26 1.52 -19.72
N LYS A 323 19.12 1.75 -20.38
CA LYS A 323 18.30 0.66 -20.89
C LYS A 323 18.99 -0.10 -22.01
N PHE A 324 20.06 0.44 -22.59
CA PHE A 324 20.82 -0.24 -23.63
C PHE A 324 22.19 -0.69 -23.12
N GLN A 325 22.29 -0.97 -21.82
CA GLN A 325 23.49 -1.50 -21.18
C GLN A 325 24.70 -0.58 -21.31
N ILE A 326 24.49 0.67 -21.73
CA ILE A 326 25.60 1.61 -21.86
C ILE A 326 26.14 1.99 -20.49
N ALA A 327 25.25 2.24 -19.53
CA ALA A 327 25.65 2.67 -18.21
C ALA A 327 26.11 1.49 -17.37
N LEU A 328 26.47 1.78 -16.12
CA LEU A 328 26.96 0.78 -15.19
C LEU A 328 25.84 0.25 -14.31
N LEU A 336 29.17 1.70 -17.45
CA LEU A 336 30.36 0.86 -17.62
C LEU A 336 31.08 1.25 -18.89
N VAL A 337 30.36 1.93 -19.78
CA VAL A 337 30.89 2.38 -21.07
C VAL A 337 31.45 1.18 -21.82
N PRO A 338 30.60 0.26 -22.30
CA PRO A 338 31.11 -0.95 -22.92
C PRO A 338 31.98 -0.72 -24.13
N SER A 339 31.73 0.36 -24.88
CA SER A 339 32.54 0.64 -26.05
C SER A 339 33.82 1.39 -25.73
N SER A 340 33.98 1.86 -24.48
CA SER A 340 35.14 2.67 -24.13
C SER A 340 36.43 1.86 -24.19
N LEU A 341 36.44 0.69 -23.55
CA LEU A 341 37.61 -0.18 -23.58
C LEU A 341 37.66 -0.87 -24.94
N SER A 342 38.86 -0.98 -25.51
CA SER A 342 39.03 -1.59 -26.81
C SER A 342 40.27 -2.47 -26.85
N HIS A 352 47.61 -18.28 -9.69
CA HIS A 352 48.37 -19.51 -9.54
C HIS A 352 47.48 -20.72 -9.77
N CYS A 353 47.22 -21.03 -11.04
CA CYS A 353 46.34 -22.13 -11.37
C CYS A 353 47.05 -23.47 -11.24
N GLU A 354 46.30 -24.48 -10.80
CA GLU A 354 46.78 -25.85 -10.73
C GLU A 354 45.69 -26.77 -11.24
N ASN A 355 46.09 -27.93 -11.77
CA ASN A 355 45.13 -28.85 -12.38
C ASN A 355 44.09 -29.33 -11.38
N SER A 356 44.54 -29.80 -10.21
CA SER A 356 43.62 -30.50 -9.32
C SER A 356 42.69 -29.56 -8.58
N GLU A 357 43.17 -28.38 -8.20
CA GLU A 357 42.45 -27.51 -7.28
C GLU A 357 41.36 -26.68 -7.95
N ILE A 358 41.28 -26.68 -9.27
CA ILE A 358 40.36 -25.79 -10.00
C ILE A 358 39.38 -26.62 -10.81
N ILE A 359 38.18 -26.08 -10.99
CA ILE A 359 37.13 -26.71 -11.78
C ILE A 359 36.92 -25.89 -13.04
N ILE A 360 37.05 -26.54 -14.19
CA ILE A 360 36.96 -25.86 -15.48
C ILE A 360 35.63 -26.21 -16.11
N ARG A 361 34.85 -25.18 -16.41
CA ARG A 361 33.58 -25.33 -17.10
C ARG A 361 33.71 -24.65 -18.44
N LEU A 362 33.51 -25.42 -19.50
CA LEU A 362 33.74 -24.98 -20.87
C LEU A 362 32.40 -24.88 -21.58
N TYR A 363 32.08 -23.71 -22.11
CA TYR A 363 30.95 -23.51 -23.00
C TYR A 363 31.43 -23.35 -24.44
N GLU A 364 31.10 -24.32 -25.28
CA GLU A 364 31.27 -24.15 -26.71
C GLU A 364 29.96 -23.66 -27.28
N MET A 365 30.04 -22.67 -28.17
CA MET A 365 28.88 -22.21 -28.89
C MET A 365 29.36 -21.69 -30.24
N PRO A 366 28.58 -21.87 -31.29
CA PRO A 366 29.06 -21.51 -32.64
C PRO A 366 29.43 -20.04 -32.77
N TYR A 367 28.79 -19.16 -32.00
CA TYR A 367 28.98 -17.74 -32.15
C TYR A 367 28.69 -17.03 -30.85
N PHE A 368 29.23 -15.82 -30.73
CA PHE A 368 28.88 -14.95 -29.61
C PHE A 368 27.94 -13.89 -30.12
N PRO A 369 26.64 -13.97 -29.86
CA PRO A 369 25.70 -13.03 -30.48
C PRO A 369 26.01 -11.60 -30.07
N MET A 370 25.67 -10.67 -30.96
CA MET A 370 25.95 -9.26 -30.69
C MET A 370 25.17 -8.82 -29.47
N GLY A 371 25.88 -8.24 -28.50
CA GLY A 371 25.31 -7.81 -27.25
C GLY A 371 25.38 -8.85 -26.15
N PHE A 372 25.60 -10.12 -26.51
CA PHE A 372 25.73 -11.18 -25.52
C PHE A 372 26.78 -10.81 -24.48
N TRP A 373 28.00 -10.55 -24.92
CA TRP A 373 29.08 -10.28 -23.99
C TRP A 373 28.88 -8.96 -23.28
N SER A 374 28.43 -7.93 -24.00
CA SER A 374 28.27 -6.61 -23.38
C SER A 374 27.23 -6.64 -22.27
N ARG A 375 26.22 -7.49 -22.40
CA ARG A 375 25.23 -7.65 -21.33
C ARG A 375 25.74 -8.58 -20.22
N LEU A 376 26.47 -9.63 -20.59
CA LEU A 376 26.98 -10.56 -19.60
C LEU A 376 27.92 -9.84 -18.65
N ILE A 377 28.74 -8.95 -19.19
CA ILE A 377 29.64 -8.14 -18.37
C ILE A 377 28.83 -7.31 -17.38
N ASN A 378 27.74 -6.71 -17.82
CA ASN A 378 26.92 -5.89 -16.94
C ASN A 378 26.32 -6.73 -15.81
N ARG A 379 25.80 -7.92 -16.13
CA ARG A 379 25.08 -8.68 -15.11
C ARG A 379 26.04 -9.41 -14.17
N LEU A 380 27.28 -9.63 -14.57
CA LEU A 380 28.26 -10.15 -13.63
C LEU A 380 29.03 -9.06 -12.90
N LEU A 381 28.38 -7.93 -12.58
CA LEU A 381 28.91 -6.99 -11.61
C LEU A 381 28.20 -7.09 -10.26
N GLU A 382 27.63 -8.25 -9.95
CA GLU A 382 26.88 -8.41 -8.71
C GLU A 382 27.80 -8.76 -7.54
N ILE A 383 27.19 -8.92 -6.37
CA ILE A 383 27.87 -9.25 -5.12
C ILE A 383 27.22 -10.48 -4.51
N SER A 384 28.06 -11.39 -4.00
CA SER A 384 27.62 -12.57 -3.26
C SER A 384 28.82 -13.19 -2.58
N PRO A 385 28.69 -13.59 -1.31
CA PRO A 385 29.76 -14.27 -0.57
C PRO A 385 30.18 -15.59 -1.20
N ARG A 399 39.43 -6.90 -10.22
CA ARG A 399 38.18 -6.93 -10.95
C ARG A 399 38.48 -6.82 -12.44
N MET A 400 39.77 -6.95 -12.76
CA MET A 400 40.24 -6.68 -14.11
C MET A 400 39.51 -7.53 -15.13
N TYR A 401 39.10 -6.93 -16.24
CA TYR A 401 38.31 -7.63 -17.24
C TYR A 401 38.66 -7.15 -18.63
N TRP A 402 38.41 -8.01 -19.59
CA TRP A 402 38.59 -7.71 -21.00
C TRP A 402 37.20 -7.52 -21.60
N ARG A 403 37.15 -7.17 -22.89
CA ARG A 403 35.88 -7.21 -23.61
C ARG A 403 35.43 -8.63 -23.83
N GLN A 404 36.36 -9.58 -23.77
CA GLN A 404 36.08 -11.01 -23.79
C GLN A 404 36.78 -11.59 -22.56
N GLY A 405 36.05 -11.62 -21.44
CA GLY A 405 36.55 -12.10 -20.18
C GLY A 405 36.46 -11.11 -19.03
N ILE A 406 35.67 -11.46 -18.01
CA ILE A 406 35.54 -10.64 -16.81
C ILE A 406 35.87 -11.45 -15.57
N TYR A 407 37.15 -11.51 -15.21
CA TYR A 407 37.54 -12.36 -14.10
C TYR A 407 37.48 -11.59 -12.77
N LEU A 408 36.30 -11.62 -12.13
CA LEU A 408 36.11 -10.95 -10.87
C LEU A 408 36.62 -11.84 -9.72
N ASN A 409 37.86 -11.59 -9.30
CA ASN A 409 38.53 -12.44 -8.32
C ASN A 409 37.84 -12.41 -6.95
N TRP A 410 37.45 -11.22 -6.50
CA TRP A 410 36.90 -11.05 -5.15
C TRP A 410 37.83 -11.65 -4.11
N SER A 411 37.37 -12.69 -3.43
CA SER A 411 38.23 -13.38 -2.48
C SER A 411 39.46 -13.94 -3.20
N PRO A 412 40.64 -13.80 -2.62
CA PRO A 412 41.85 -14.32 -3.31
C PRO A 412 41.82 -15.83 -3.48
N GLU A 413 40.99 -16.51 -2.70
CA GLU A 413 40.86 -17.95 -2.76
C GLU A 413 39.63 -18.38 -3.56
N ALA A 414 38.94 -17.43 -4.20
CA ALA A 414 37.65 -17.68 -4.86
C ALA A 414 37.72 -17.20 -6.31
N TYR A 415 38.75 -17.65 -7.02
CA TYR A 415 38.97 -17.24 -8.40
C TYR A 415 37.75 -17.54 -9.27
N CYS A 416 37.41 -16.57 -10.14
CA CYS A 416 36.35 -16.73 -11.14
C CYS A 416 36.86 -16.17 -12.47
N LEU A 417 37.55 -17.00 -13.24
CA LEU A 417 38.14 -16.57 -14.51
C LEU A 417 37.17 -16.82 -15.67
N VAL A 418 35.99 -16.21 -15.58
CA VAL A 418 35.04 -16.34 -16.68
C VAL A 418 35.54 -15.53 -17.86
N GLY A 419 35.60 -16.18 -19.02
CA GLY A 419 36.07 -15.50 -20.22
C GLY A 419 36.14 -16.47 -21.37
N SER A 420 36.37 -15.91 -22.56
CA SER A 420 36.46 -16.71 -23.77
C SER A 420 37.87 -17.22 -23.97
N GLU A 428 33.81 -23.04 -33.77
CA GLU A 428 33.05 -22.75 -32.56
C GLU A 428 33.86 -21.88 -31.61
N SER A 429 33.18 -21.04 -30.84
CA SER A 429 33.84 -20.20 -29.86
C SER A 429 33.60 -20.77 -28.47
N PHE A 430 34.46 -20.36 -27.53
CA PHE A 430 34.54 -21.02 -26.24
C PHE A 430 34.37 -20.02 -25.11
N LEU A 431 33.71 -20.48 -24.03
CA LEU A 431 33.60 -19.76 -22.78
C LEU A 431 34.06 -20.66 -21.65
N LYS A 432 35.02 -20.19 -20.84
CA LYS A 432 35.62 -20.98 -19.78
C LYS A 432 35.37 -20.33 -18.43
N ILE A 433 34.96 -21.13 -17.46
CA ILE A 433 34.85 -20.72 -16.06
C ILE A 433 35.89 -21.48 -15.26
N THR A 434 36.79 -20.76 -14.62
CA THR A 434 37.88 -21.36 -13.87
C THR A 434 37.74 -20.96 -12.40
N VAL A 435 37.36 -21.92 -11.56
CA VAL A 435 37.10 -21.64 -10.15
C VAL A 435 37.80 -22.69 -9.31
N PRO A 436 38.15 -22.36 -8.07
CA PRO A 436 38.87 -23.32 -7.21
C PRO A 436 37.92 -24.30 -6.56
N SER A 437 38.51 -25.31 -5.92
CA SER A 437 37.74 -26.32 -5.21
C SER A 437 37.62 -25.91 -3.74
N CYS A 438 36.59 -25.12 -3.46
CA CYS A 438 36.22 -24.73 -2.11
C CYS A 438 34.73 -24.47 -2.10
N ARG A 439 34.21 -24.19 -0.91
CA ARG A 439 32.77 -23.89 -0.80
CA ARG A 439 32.78 -23.89 -0.80
C ARG A 439 32.43 -22.61 -1.55
N LYS A 440 33.27 -21.59 -1.41
CA LYS A 440 33.02 -20.34 -2.13
C LYS A 440 33.14 -20.52 -3.63
N GLY A 441 34.13 -21.28 -4.09
CA GLY A 441 34.23 -21.56 -5.51
C GLY A 441 33.04 -22.34 -6.04
N CYS A 442 32.58 -23.33 -5.26
CA CYS A 442 31.42 -24.10 -5.67
C CYS A 442 30.18 -23.20 -5.77
N ILE A 443 29.98 -22.35 -4.78
CA ILE A 443 28.82 -21.45 -4.79
C ILE A 443 28.90 -20.48 -5.96
N LEU A 444 30.09 -19.94 -6.20
CA LEU A 444 30.25 -18.94 -7.26
C LEU A 444 30.06 -19.57 -8.63
N LEU A 445 30.58 -20.79 -8.83
CA LEU A 445 30.29 -21.52 -10.07
C LEU A 445 28.79 -21.76 -10.21
N GLY A 446 28.13 -22.14 -9.13
CA GLY A 446 26.69 -22.33 -9.21
C GLY A 446 25.98 -21.06 -9.64
N GLN A 447 26.38 -19.93 -9.08
CA GLN A 447 25.74 -18.66 -9.43
C GLN A 447 26.00 -18.29 -10.89
N VAL A 448 27.24 -18.47 -11.35
CA VAL A 448 27.55 -18.10 -12.73
C VAL A 448 26.81 -19.00 -13.71
N VAL A 449 26.79 -20.31 -13.47
CA VAL A 449 26.06 -21.20 -14.35
C VAL A 449 24.57 -20.84 -14.35
N ASP A 450 24.02 -20.53 -13.17
CA ASP A 450 22.62 -20.16 -13.12
C ASP A 450 22.35 -18.88 -13.89
N HIS A 451 23.23 -17.89 -13.78
CA HIS A 451 23.02 -16.63 -14.49
C HIS A 451 23.09 -16.83 -16.00
N ILE A 452 24.08 -17.60 -16.47
CA ILE A 452 24.21 -17.82 -17.90
C ILE A 452 23.03 -18.61 -18.44
N ASP A 453 22.59 -19.63 -17.69
CA ASP A 453 21.45 -20.41 -18.15
C ASP A 453 20.18 -19.57 -18.12
N SER A 454 20.06 -18.66 -17.17
CA SER A 454 18.92 -17.74 -17.15
C SER A 454 18.94 -16.84 -18.38
N LEU A 455 20.12 -16.33 -18.73
CA LEU A 455 20.30 -15.56 -19.96
C LEU A 455 19.78 -16.32 -21.17
N MET A 456 20.33 -17.51 -21.39
CA MET A 456 20.05 -18.29 -22.58
C MET A 456 18.66 -18.91 -22.58
N GLU A 457 18.00 -19.01 -21.43
CA GLU A 457 16.64 -19.51 -21.39
C GLU A 457 15.61 -18.41 -21.36
N GLU A 458 16.02 -17.18 -21.06
CA GLU A 458 15.11 -16.05 -21.01
C GLU A 458 15.05 -15.29 -22.32
N TRP A 459 16.18 -15.09 -23.00
CA TRP A 459 16.13 -14.29 -24.22
C TRP A 459 16.34 -15.12 -25.49
N PHE A 460 17.44 -15.85 -25.59
CA PHE A 460 17.66 -16.48 -26.89
C PHE A 460 18.21 -17.89 -26.79
N PRO A 461 17.44 -18.90 -27.21
CA PRO A 461 17.97 -20.26 -27.27
C PRO A 461 19.21 -20.34 -28.17
N GLY A 462 20.15 -21.17 -27.75
CA GLY A 462 21.39 -21.35 -28.50
C GLY A 462 22.60 -20.79 -27.78
N THR A 474 23.76 -30.44 -30.60
CA THR A 474 22.44 -29.85 -30.38
C THR A 474 22.57 -28.50 -29.69
N LEU A 475 22.44 -27.43 -30.46
CA LEU A 475 22.53 -26.04 -29.97
C LEU A 475 23.91 -25.89 -29.34
N LEU A 476 24.02 -25.40 -28.10
CA LEU A 476 25.31 -25.37 -27.42
C LEU A 476 25.56 -26.70 -26.74
N LYS A 477 26.82 -26.93 -26.41
CA LYS A 477 27.21 -28.11 -25.65
C LYS A 477 27.88 -27.70 -24.36
N LYS A 478 27.61 -28.47 -23.31
CA LYS A 478 28.08 -28.19 -21.96
C LYS A 478 29.25 -29.14 -21.68
N TRP A 479 30.38 -28.58 -21.24
CA TRP A 479 31.56 -29.40 -20.98
C TRP A 479 31.85 -29.37 -19.49
N ALA A 480 32.45 -30.47 -19.01
CA ALA A 480 32.96 -30.56 -17.65
C ALA A 480 34.35 -31.17 -17.69
N LEU A 481 35.28 -30.60 -16.94
CA LEU A 481 36.68 -30.96 -17.02
C LEU A 481 37.14 -31.72 -15.78
N TYR A 482 37.90 -32.79 -16.01
CA TYR A 482 38.37 -33.63 -14.92
C TYR A 482 39.76 -34.17 -15.27
N SER A 483 40.45 -34.67 -14.25
CA SER A 483 41.76 -35.29 -14.45
C SER A 483 42.11 -36.19 -13.26
N PHE A 484 42.19 -37.50 -13.49
CA PHE A 484 42.48 -38.42 -12.39
C PHE A 484 43.87 -38.17 -11.82
N ASN A 485 44.88 -38.10 -12.68
CA ASN A 485 46.21 -37.67 -12.28
C ASN A 485 46.65 -36.53 -13.18
N ASP A 486 47.45 -35.63 -12.60
CA ASP A 486 47.75 -34.35 -13.22
C ASP A 486 48.59 -34.48 -14.48
N GLY A 487 49.15 -35.66 -14.76
CA GLY A 487 49.87 -35.85 -16.00
C GLY A 487 48.99 -35.62 -17.21
N GLU A 488 47.78 -36.18 -17.18
CA GLU A 488 46.79 -35.88 -18.20
C GLU A 488 46.26 -34.48 -17.95
N GLU A 489 46.18 -33.69 -19.02
CA GLU A 489 45.80 -32.28 -18.90
C GLU A 489 44.32 -32.16 -19.24
N HIS A 490 43.48 -32.20 -18.21
CA HIS A 490 42.07 -31.85 -18.30
C HIS A 490 41.33 -32.64 -19.38
N GLN A 491 41.22 -33.94 -19.16
CA GLN A 491 40.28 -34.73 -19.95
C GLN A 491 38.87 -34.21 -19.70
N LYS A 492 38.14 -33.93 -20.77
CA LYS A 492 36.85 -33.27 -20.67
C LYS A 492 35.71 -34.27 -20.90
N ILE A 493 34.58 -34.02 -20.26
CA ILE A 493 33.39 -34.85 -20.42
C ILE A 493 32.17 -33.96 -20.63
N LEU A 494 31.24 -34.45 -21.44
CA LEU A 494 29.95 -33.78 -21.59
C LEU A 494 29.22 -33.79 -20.25
N LEU A 495 28.37 -32.79 -20.05
CA LEU A 495 27.72 -32.64 -18.75
C LEU A 495 26.63 -33.68 -18.52
N ASP A 496 25.97 -34.14 -19.58
CA ASP A 496 24.86 -35.06 -19.41
C ASP A 496 25.33 -36.40 -18.85
N ASP A 497 26.41 -36.94 -19.41
CA ASP A 497 26.94 -38.21 -18.97
C ASP A 497 27.31 -38.12 -17.50
N LEU A 498 27.96 -37.01 -17.15
CA LEU A 498 28.33 -36.79 -15.76
C LEU A 498 27.10 -36.62 -14.89
N MET A 499 26.01 -36.10 -15.45
CA MET A 499 24.79 -35.99 -14.68
C MET A 499 24.24 -37.37 -14.32
N LYS A 500 24.27 -38.30 -15.27
CA LYS A 500 23.87 -39.68 -14.94
C LYS A 500 24.84 -40.30 -13.94
N LYS A 501 26.14 -40.07 -14.12
CA LYS A 501 27.12 -40.60 -13.18
CA LYS A 501 27.13 -40.61 -13.19
C LYS A 501 26.95 -40.03 -11.79
N ALA A 502 26.37 -38.84 -11.67
CA ALA A 502 26.11 -38.26 -10.37
C ALA A 502 24.77 -38.69 -9.80
N GLU A 503 23.78 -38.93 -10.65
CA GLU A 503 22.51 -39.45 -10.17
C GLU A 503 22.68 -40.84 -9.60
N GLU A 504 23.45 -41.70 -10.27
CA GLU A 504 23.75 -43.03 -9.76
C GLU A 504 25.21 -43.05 -9.29
N GLY A 505 25.41 -43.23 -7.99
CA GLY A 505 26.73 -43.16 -7.45
C GLY A 505 27.18 -41.72 -7.31
N ASP A 506 28.43 -41.55 -6.88
CA ASP A 506 28.97 -40.21 -6.70
C ASP A 506 30.40 -40.07 -7.22
N LEU A 507 31.12 -41.16 -7.47
CA LEU A 507 32.54 -41.11 -7.82
C LEU A 507 32.72 -41.26 -9.32
N LEU A 508 33.97 -41.08 -9.76
CA LEU A 508 34.38 -41.38 -11.14
C LEU A 508 35.41 -42.51 -11.09
N VAL A 509 34.99 -43.71 -11.50
CA VAL A 509 35.90 -44.83 -11.54
C VAL A 509 36.98 -44.58 -12.58
N ASN A 510 38.22 -44.91 -12.23
CA ASN A 510 39.34 -44.73 -13.13
C ASN A 510 39.35 -45.81 -14.20
N PRO A 511 39.94 -45.52 -15.37
CA PRO A 511 40.09 -46.57 -16.39
C PRO A 511 40.86 -47.78 -15.87
N ASP A 512 41.88 -47.55 -15.05
CA ASP A 512 42.61 -48.61 -14.37
C ASP A 512 42.25 -48.55 -12.89
N GLN A 513 41.37 -49.46 -12.47
CA GLN A 513 40.88 -49.49 -11.09
C GLN A 513 40.27 -48.16 -10.69
N THR A 517 39.68 -42.38 -6.08
CA THR A 517 39.36 -41.62 -7.28
C THR A 517 38.70 -40.29 -6.93
N ILE A 518 38.19 -39.60 -7.94
CA ILE A 518 37.66 -38.25 -7.73
C ILE A 518 36.14 -38.25 -7.74
N PRO A 519 35.49 -37.56 -6.80
CA PRO A 519 34.03 -37.53 -6.78
C PRO A 519 33.48 -36.44 -7.67
N ILE A 520 32.16 -36.43 -7.88
CA ILE A 520 31.54 -35.39 -8.68
C ILE A 520 31.71 -34.03 -8.02
N SER A 521 31.68 -33.98 -6.69
CA SER A 521 31.70 -32.71 -5.97
C SER A 521 32.93 -31.89 -6.30
N GLN A 522 33.97 -32.55 -6.80
CA GLN A 522 35.15 -31.84 -7.27
C GLN A 522 35.20 -31.69 -8.78
N ILE A 523 34.16 -32.07 -9.50
CA ILE A 523 34.15 -31.98 -10.96
C ILE A 523 33.07 -31.05 -11.45
N ALA A 524 31.85 -31.25 -10.99
CA ALA A 524 30.71 -30.42 -11.33
C ALA A 524 29.83 -30.26 -10.11
N PRO A 525 30.19 -29.38 -9.19
CA PRO A 525 29.49 -29.30 -7.90
C PRO A 525 28.00 -29.07 -8.03
N ASP A 526 27.62 -28.25 -9.00
CA ASP A 526 26.22 -27.88 -9.14
C ASP A 526 25.33 -29.05 -9.56
N LEU A 527 25.91 -30.14 -10.08
CA LEU A 527 25.09 -31.32 -10.34
C LEU A 527 24.59 -31.95 -9.05
N ILE A 528 25.45 -32.06 -8.03
CA ILE A 528 25.05 -32.73 -6.81
C ILE A 528 24.79 -31.68 -5.72
N LEU A 529 24.48 -30.46 -6.14
CA LEU A 529 24.03 -29.42 -5.22
C LEU A 529 24.99 -29.25 -4.06
N ALA A 530 26.29 -29.34 -4.32
CA ALA A 530 27.26 -29.23 -3.26
C ALA A 530 27.40 -27.81 -2.73
N ASP A 531 26.77 -26.84 -3.37
CA ASP A 531 26.86 -25.44 -2.96
C ASP A 531 25.66 -24.98 -2.14
N LEU A 532 24.77 -25.89 -1.75
CA LEU A 532 23.67 -25.54 -0.87
C LEU A 532 24.21 -25.07 0.48
N PRO A 533 23.49 -24.16 1.15
CA PRO A 533 23.87 -23.82 2.52
C PRO A 533 23.79 -25.05 3.41
N ARG A 534 24.74 -25.15 4.33
N ARG A 534 24.74 -25.15 4.33
CA ARG A 534 24.89 -26.35 5.13
CA ARG A 534 24.89 -26.36 5.13
C ARG A 534 23.68 -26.63 6.02
C ARG A 534 23.68 -26.63 6.02
N ASN A 535 22.83 -25.63 6.24
CA ASN A 535 21.64 -25.84 7.05
C ASN A 535 20.61 -26.71 6.33
N ILE A 536 20.76 -26.90 5.04
CA ILE A 536 19.80 -27.66 4.24
C ILE A 536 20.53 -28.75 3.47
N MET A 537 20.37 -29.99 3.92
CA MET A 537 20.78 -31.15 3.15
C MET A 537 19.79 -32.26 3.45
N LEU A 538 19.33 -32.97 2.41
CA LEU A 538 18.52 -34.15 2.68
C LEU A 538 19.41 -35.18 3.36
N ASN A 539 19.47 -35.13 4.69
CA ASN A 539 20.26 -36.11 5.44
C ASN A 539 19.47 -37.42 5.55
N ASN A 540 19.27 -38.04 4.39
CA ASN A 540 18.46 -39.24 4.31
C ASN A 540 19.19 -40.37 5.03
N ASP A 541 18.91 -40.48 6.32
CA ASP A 541 19.53 -41.47 7.20
C ASP A 541 18.44 -42.20 7.97
N GLU A 542 17.45 -42.68 7.22
CA GLU A 542 16.21 -43.22 7.79
C GLU A 542 15.47 -42.14 8.56
N LEU A 543 15.31 -40.98 7.91
CA LEU A 543 14.57 -39.87 8.50
C LEU A 543 13.37 -39.49 7.63
N GLU A 544 13.55 -39.34 6.33
CA GLU A 544 12.43 -39.00 5.47
C GLU A 544 11.73 -40.28 5.04
N PHE A 545 10.40 -40.24 4.98
CA PHE A 545 9.58 -41.40 4.65
C PHE A 545 8.51 -40.96 3.66
N GLU A 546 8.39 -41.62 2.50
CA GLU A 546 7.34 -41.20 1.58
C GLU A 546 7.04 -42.29 0.57
N GLN A 547 6.20 -41.93 -0.41
CA GLN A 547 5.79 -42.68 -1.60
C GLN A 547 4.62 -43.62 -1.34
N ALA A 548 4.07 -43.62 -0.14
CA ALA A 548 2.84 -44.35 0.07
C ALA A 548 1.69 -43.65 -0.65
N PRO A 549 0.72 -44.41 -1.16
CA PRO A 549 -0.38 -43.77 -1.90
C PRO A 549 -1.19 -42.80 -1.07
N GLU A 550 -1.30 -43.06 0.24
CA GLU A 550 -2.03 -42.15 1.11
C GLU A 550 -1.27 -40.86 1.32
N PHE A 551 0.05 -40.87 1.09
CA PHE A 551 0.85 -39.68 1.31
C PHE A 551 0.72 -38.65 0.20
N LEU A 552 0.04 -38.97 -0.91
CA LEU A 552 -0.11 -37.98 -1.97
C LEU A 552 -0.80 -36.73 -1.46
N LEU A 553 -0.25 -35.58 -1.84
CA LEU A 553 -0.80 -34.29 -1.41
C LEU A 553 -1.07 -33.39 -2.61
N GLY A 559 -0.66 -32.51 -6.79
CA GLY A 559 0.02 -32.95 -8.00
C GLY A 559 1.50 -33.18 -7.82
N SER A 560 1.89 -34.45 -7.66
CA SER A 560 3.28 -34.85 -7.46
C SER A 560 3.88 -34.17 -6.23
N VAL A 561 3.09 -34.06 -5.17
CA VAL A 561 3.57 -33.65 -3.85
C VAL A 561 3.06 -34.66 -2.84
N TYR A 562 3.96 -35.20 -2.02
CA TYR A 562 3.60 -36.20 -1.04
C TYR A 562 3.79 -35.68 0.38
N ARG A 563 3.19 -36.42 1.32
CA ARG A 563 3.34 -36.15 2.74
C ARG A 563 4.43 -37.05 3.30
N ALA A 564 5.36 -36.46 4.03
CA ALA A 564 6.48 -37.19 4.57
C ALA A 564 6.65 -36.80 6.02
N ALA A 565 7.51 -37.53 6.73
CA ALA A 565 7.81 -37.22 8.11
C ALA A 565 9.31 -36.94 8.20
N TYR A 566 9.67 -35.67 8.12
CA TYR A 566 11.07 -35.26 8.18
C TYR A 566 11.36 -34.78 9.59
N GLU A 567 12.40 -35.34 10.20
CA GLU A 567 12.79 -35.00 11.57
C GLU A 567 11.65 -35.19 12.56
N GLY A 568 10.86 -36.24 12.36
CA GLY A 568 9.76 -36.51 13.26
C GLY A 568 8.62 -35.54 13.18
N GLU A 569 8.69 -34.58 12.26
CA GLU A 569 7.60 -33.65 11.99
C GLU A 569 7.08 -33.95 10.60
N GLU A 570 5.80 -33.70 10.38
CA GLU A 570 5.22 -34.03 9.09
C GLU A 570 5.37 -32.88 8.13
N VAL A 571 5.88 -33.17 6.93
CA VAL A 571 6.21 -32.20 5.91
C VAL A 571 5.65 -32.67 4.57
N ALA A 572 5.77 -31.80 3.57
CA ALA A 572 5.29 -32.08 2.22
C ALA A 572 6.46 -32.08 1.26
N VAL A 573 6.57 -33.13 0.45
CA VAL A 573 7.68 -33.33 -0.46
C VAL A 573 7.15 -33.29 -1.88
N LYS A 574 7.87 -32.61 -2.77
CA LYS A 574 7.54 -32.57 -4.19
C LYS A 574 8.73 -33.11 -4.96
N ILE A 575 8.51 -34.12 -5.79
CA ILE A 575 9.59 -34.83 -6.46
C ILE A 575 9.63 -34.42 -7.92
N PHE A 576 10.83 -34.45 -8.48
CA PHE A 576 11.07 -34.12 -9.88
C PHE A 576 11.35 -35.41 -10.66
N ASN A 577 10.29 -36.02 -11.17
CA ASN A 577 10.44 -37.28 -11.89
C ASN A 577 11.03 -37.07 -13.28
N LYS A 578 10.31 -36.37 -14.15
CA LYS A 578 10.63 -36.35 -15.57
C LYS A 578 11.02 -34.94 -16.00
N HIS A 579 11.99 -34.85 -16.90
CA HIS A 579 12.40 -33.59 -17.53
C HIS A 579 12.84 -32.57 -16.49
N THR A 580 13.32 -33.05 -15.35
CA THR A 580 13.87 -32.15 -14.34
C THR A 580 15.10 -31.42 -14.87
N SER A 581 15.98 -32.15 -15.55
CA SER A 581 17.20 -31.62 -16.16
C SER A 581 18.04 -30.80 -15.18
N LEU A 582 17.71 -30.84 -13.90
CA LEU A 582 18.36 -30.02 -12.89
C LEU A 582 18.38 -28.54 -13.30
N ARG A 583 17.30 -28.09 -13.93
CA ARG A 583 17.08 -26.68 -14.14
C ARG A 583 15.90 -26.17 -13.33
N LEU A 584 14.80 -26.92 -13.31
CA LEU A 584 13.69 -26.55 -12.45
C LEU A 584 14.13 -26.52 -10.99
N LEU A 585 14.86 -27.56 -10.55
CA LEU A 585 15.26 -27.63 -9.15
C LEU A 585 16.20 -26.49 -8.78
N ARG A 586 17.20 -26.20 -9.63
CA ARG A 586 18.13 -25.13 -9.30
C ARG A 586 17.45 -23.78 -9.32
N GLN A 587 16.65 -23.49 -10.34
CA GLN A 587 15.99 -22.19 -10.35
C GLN A 587 14.92 -22.08 -9.29
N GLU A 588 14.48 -23.20 -8.70
CA GLU A 588 13.54 -23.12 -7.61
C GLU A 588 14.24 -22.85 -6.29
N LEU A 589 15.31 -23.57 -6.00
CA LEU A 589 15.94 -23.33 -4.71
C LEU A 589 16.86 -22.12 -4.70
N VAL A 590 17.26 -21.58 -5.85
CA VAL A 590 18.07 -20.36 -5.78
C VAL A 590 17.21 -19.16 -5.43
N VAL A 591 15.89 -19.30 -5.49
CA VAL A 591 15.02 -18.24 -5.00
C VAL A 591 14.47 -18.64 -3.64
N LEU A 592 14.24 -19.94 -3.42
CA LEU A 592 13.68 -20.37 -2.16
C LEU A 592 14.69 -20.30 -1.02
N CYS A 593 15.98 -20.42 -1.31
CA CYS A 593 16.96 -20.26 -0.25
C CYS A 593 17.26 -18.79 0.05
N HIS A 594 16.70 -17.85 -0.72
CA HIS A 594 16.93 -16.44 -0.48
C HIS A 594 15.63 -15.70 -0.15
N LEU A 595 14.66 -16.41 0.43
CA LEU A 595 13.43 -15.79 0.93
C LEU A 595 13.08 -16.42 2.28
N HIS A 596 13.35 -15.69 3.34
CA HIS A 596 13.06 -16.14 4.71
C HIS A 596 12.18 -15.07 5.36
N HIS A 597 10.87 -15.27 5.29
CA HIS A 597 9.90 -14.36 5.87
C HIS A 597 8.83 -15.18 6.56
N PRO A 598 8.23 -14.66 7.63
CA PRO A 598 7.15 -15.42 8.29
C PRO A 598 5.99 -15.74 7.38
N SER A 599 5.73 -14.90 6.39
CA SER A 599 4.64 -15.14 5.46
C SER A 599 5.07 -15.75 4.14
N LEU A 600 6.35 -16.09 3.98
CA LEU A 600 6.85 -16.78 2.80
C LEU A 600 7.20 -18.21 3.17
N ILE A 601 6.72 -19.17 2.37
CA ILE A 601 6.94 -20.56 2.72
C ILE A 601 8.43 -20.87 2.71
N SER A 602 8.86 -21.72 3.64
CA SER A 602 10.27 -21.97 3.87
C SER A 602 10.66 -23.35 3.36
N LEU A 603 11.95 -23.51 3.09
CA LEU A 603 12.49 -24.72 2.48
C LEU A 603 13.23 -25.55 3.50
N LEU A 604 12.94 -26.85 3.51
CA LEU A 604 13.67 -27.82 4.32
C LEU A 604 14.15 -28.94 3.41
N ALA A 605 15.45 -29.27 3.50
CA ALA A 605 15.98 -30.46 2.86
C ALA A 605 15.70 -30.50 1.35
N ALA A 606 16.55 -29.80 0.60
CA ALA A 606 16.56 -29.94 -0.85
C ALA A 606 17.49 -31.09 -1.22
N GLY A 607 16.93 -32.14 -1.82
CA GLY A 607 17.66 -33.38 -1.99
C GLY A 607 17.75 -33.83 -3.45
N ILE A 608 18.72 -34.70 -3.68
CA ILE A 608 19.09 -35.11 -5.03
C ILE A 608 18.76 -36.57 -5.30
N ARG A 609 18.95 -37.45 -4.32
CA ARG A 609 18.87 -38.89 -4.61
C ARG A 609 17.53 -39.27 -5.21
N PRO A 610 16.37 -38.87 -4.65
CA PRO A 610 15.16 -38.87 -5.47
C PRO A 610 14.93 -37.57 -6.23
N ARG A 611 15.78 -36.55 -6.01
CA ARG A 611 15.65 -35.22 -6.61
C ARG A 611 14.33 -34.56 -6.20
N MET A 612 14.23 -34.27 -4.90
CA MET A 612 12.99 -33.75 -4.36
C MET A 612 13.26 -32.50 -3.53
N LEU A 613 12.22 -31.71 -3.36
CA LEU A 613 12.16 -30.64 -2.38
C LEU A 613 11.19 -31.02 -1.28
N VAL A 614 11.58 -30.75 -0.04
CA VAL A 614 10.77 -31.06 1.12
C VAL A 614 10.27 -29.73 1.69
N MET A 615 8.96 -29.61 1.84
CA MET A 615 8.32 -28.36 2.24
C MET A 615 7.52 -28.53 3.52
N GLU A 616 7.46 -27.46 4.31
CA GLU A 616 6.61 -27.42 5.49
C GLU A 616 5.16 -27.67 5.10
N LEU A 617 4.47 -28.49 5.87
CA LEU A 617 3.08 -28.80 5.62
C LEU A 617 2.20 -27.60 5.94
N ALA A 618 1.15 -27.42 5.14
CA ALA A 618 0.05 -26.55 5.50
C ALA A 618 -0.97 -27.40 6.22
N SER A 619 -1.02 -27.29 7.55
CA SER A 619 -1.83 -28.20 8.35
C SER A 619 -3.30 -28.12 7.96
N LYS A 620 -3.82 -26.91 7.80
CA LYS A 620 -5.17 -26.72 7.29
C LYS A 620 -5.22 -26.48 5.79
N GLY A 621 -4.09 -26.22 5.17
CA GLY A 621 -4.00 -26.37 3.73
C GLY A 621 -4.27 -25.09 2.97
N SER A 622 -4.53 -25.26 1.68
CA SER A 622 -4.73 -24.14 0.79
C SER A 622 -5.96 -23.34 1.19
N LEU A 623 -5.87 -22.01 1.02
CA LEU A 623 -6.97 -21.13 1.40
C LEU A 623 -8.25 -21.50 0.68
N ASP A 624 -8.18 -21.76 -0.62
CA ASP A 624 -9.39 -21.94 -1.40
C ASP A 624 -10.24 -23.10 -0.88
N ARG A 625 -9.57 -24.20 -0.50
CA ARG A 625 -10.27 -25.35 0.04
C ARG A 625 -10.99 -24.99 1.35
N LEU A 626 -10.46 -24.02 2.08
CA LEU A 626 -11.11 -23.56 3.30
C LEU A 626 -12.28 -22.63 2.99
N LEU A 627 -12.11 -21.75 2.01
CA LEU A 627 -13.18 -20.81 1.67
C LEU A 627 -14.39 -21.56 1.13
N GLN A 628 -14.14 -22.62 0.35
CA GLN A 628 -15.24 -23.31 -0.30
C GLN A 628 -16.00 -24.21 0.68
N GLN A 629 -15.31 -24.78 1.68
CA GLN A 629 -15.91 -25.82 2.49
C GLN A 629 -15.99 -25.49 3.98
N ASP A 630 -15.19 -24.54 4.47
CA ASP A 630 -15.12 -24.33 5.91
C ASP A 630 -15.45 -22.86 6.22
N LYS A 631 -16.55 -22.39 5.65
CA LYS A 631 -16.98 -21.01 5.86
C LYS A 631 -17.33 -20.71 7.31
N ALA A 632 -17.52 -21.73 8.15
CA ALA A 632 -17.94 -21.49 9.52
C ALA A 632 -16.88 -20.77 10.33
N SER A 633 -15.60 -21.02 10.06
CA SER A 633 -14.52 -20.48 10.88
C SER A 633 -14.07 -19.08 10.47
N LEU A 634 -14.65 -18.50 9.42
CA LEU A 634 -14.19 -17.22 8.92
C LEU A 634 -14.71 -16.10 9.81
N THR A 635 -14.04 -15.92 10.94
CA THR A 635 -14.29 -14.73 11.72
C THR A 635 -13.68 -13.51 11.04
N ARG A 636 -14.25 -12.34 11.34
CA ARG A 636 -13.74 -11.12 10.74
C ARG A 636 -12.27 -10.90 11.09
N THR A 637 -11.90 -11.20 12.33
CA THR A 637 -10.50 -11.04 12.71
C THR A 637 -9.62 -12.02 11.96
N LEU A 638 -10.11 -13.24 11.71
CA LEU A 638 -9.30 -14.19 10.95
C LEU A 638 -9.16 -13.77 9.50
N GLN A 639 -10.22 -13.24 8.90
CA GLN A 639 -10.13 -12.74 7.52
C GLN A 639 -9.11 -11.63 7.44
N HIS A 640 -9.17 -10.69 8.37
CA HIS A 640 -8.22 -9.60 8.35
C HIS A 640 -6.81 -10.11 8.56
N ARG A 641 -6.64 -11.14 9.39
CA ARG A 641 -5.31 -11.71 9.58
C ARG A 641 -4.77 -12.37 8.32
N ILE A 642 -5.60 -13.12 7.61
CA ILE A 642 -5.14 -13.75 6.37
C ILE A 642 -4.71 -12.68 5.38
N ALA A 643 -5.54 -11.66 5.19
CA ALA A 643 -5.21 -10.60 4.25
C ALA A 643 -3.95 -9.86 4.69
N LEU A 644 -3.81 -9.62 5.98
CA LEU A 644 -2.65 -8.93 6.51
C LEU A 644 -1.38 -9.71 6.24
N HIS A 645 -1.44 -11.04 6.44
CA HIS A 645 -0.25 -11.87 6.29
C HIS A 645 0.16 -11.98 4.82
N VAL A 646 -0.82 -12.14 3.92
CA VAL A 646 -0.49 -12.17 2.50
C VAL A 646 0.11 -10.85 2.05
N ALA A 647 -0.46 -9.72 2.51
CA ALA A 647 0.10 -8.43 2.15
C ALA A 647 1.51 -8.26 2.69
N ASP A 648 1.76 -8.74 3.91
CA ASP A 648 3.11 -8.67 4.46
C ASP A 648 4.10 -9.44 3.59
N GLY A 649 3.76 -10.68 3.26
CA GLY A 649 4.66 -11.48 2.46
C GLY A 649 4.90 -10.89 1.09
N LEU A 650 3.85 -10.41 0.44
CA LEU A 650 4.00 -9.87 -0.91
C LEU A 650 4.72 -8.53 -0.90
N ARG A 651 4.57 -7.75 0.17
CA ARG A 651 5.42 -6.58 0.34
C ARG A 651 6.89 -6.98 0.40
N TYR A 652 7.21 -8.03 1.17
CA TYR A 652 8.60 -8.45 1.24
C TYR A 652 9.11 -8.91 -0.12
N LEU A 653 8.29 -9.65 -0.85
CA LEU A 653 8.68 -10.08 -2.19
C LEU A 653 9.02 -8.89 -3.07
N HIS A 654 8.16 -7.88 -3.07
CA HIS A 654 8.41 -6.69 -3.89
C HIS A 654 9.64 -5.94 -3.40
N SER A 655 9.91 -6.00 -2.10
CA SER A 655 11.12 -5.41 -1.56
C SER A 655 12.37 -6.11 -2.09
N ALA A 656 12.32 -7.44 -2.22
CA ALA A 656 13.44 -8.20 -2.74
C ALA A 656 13.52 -8.16 -4.27
N MET A 657 12.78 -7.26 -4.91
CA MET A 657 12.78 -7.11 -6.37
C MET A 657 12.34 -8.38 -7.08
N ILE A 658 11.49 -9.18 -6.43
CA ILE A 658 10.90 -10.37 -7.03
C ILE A 658 9.45 -10.10 -7.33
N ILE A 659 9.04 -10.36 -8.55
CA ILE A 659 7.65 -10.23 -8.93
C ILE A 659 6.99 -11.58 -8.72
N TYR A 660 6.00 -11.61 -7.83
CA TYR A 660 5.32 -12.85 -7.51
C TYR A 660 4.22 -13.03 -8.54
N ARG A 661 4.42 -13.98 -9.46
CA ARG A 661 3.64 -13.99 -10.69
C ARG A 661 2.14 -14.10 -10.42
N ASP A 662 1.75 -15.09 -9.62
CA ASP A 662 0.36 -15.55 -9.59
C ASP A 662 -0.11 -15.73 -8.16
N LEU A 663 -1.00 -14.84 -7.72
CA LEU A 663 -1.49 -14.79 -6.34
C LEU A 663 -2.97 -15.08 -6.34
N LYS A 664 -3.36 -16.23 -5.79
CA LYS A 664 -4.74 -16.67 -5.73
C LYS A 664 -5.04 -17.23 -4.35
N PRO A 665 -6.31 -17.51 -4.06
CA PRO A 665 -6.60 -18.31 -2.86
C PRO A 665 -6.05 -19.72 -2.93
N HIS A 666 -5.77 -20.25 -4.12
CA HIS A 666 -5.16 -21.58 -4.19
C HIS A 666 -3.77 -21.57 -3.58
N ASN A 667 -3.02 -20.50 -3.79
CA ASN A 667 -1.60 -20.42 -3.42
C ASN A 667 -1.39 -19.71 -2.10
N VAL A 668 -2.41 -19.59 -1.26
CA VAL A 668 -2.27 -19.07 0.08
C VAL A 668 -2.52 -20.22 1.04
N LEU A 669 -1.52 -20.58 1.82
CA LEU A 669 -1.56 -21.73 2.70
C LEU A 669 -1.81 -21.31 4.13
N LEU A 670 -2.85 -21.85 4.74
CA LEU A 670 -3.21 -21.58 6.11
C LEU A 670 -2.72 -22.71 6.98
N PHE A 671 -1.96 -22.38 8.01
CA PHE A 671 -1.51 -23.38 8.95
C PHE A 671 -2.50 -23.56 10.09
N THR A 672 -2.98 -22.46 10.66
CA THR A 672 -3.81 -22.48 11.85
C THR A 672 -5.09 -21.69 11.60
N LEU A 673 -6.11 -22.00 12.39
CA LEU A 673 -7.34 -21.21 12.40
C LEU A 673 -7.56 -20.52 13.74
N TYR A 674 -6.47 -20.14 14.40
CA TYR A 674 -6.55 -19.50 15.70
C TYR A 674 -6.18 -18.04 15.53
N PRO A 675 -7.14 -17.13 15.63
CA PRO A 675 -6.91 -15.76 15.17
C PRO A 675 -5.72 -15.04 15.78
N ASN A 676 -5.36 -15.32 17.03
CA ASN A 676 -4.25 -14.61 17.65
C ASN A 676 -2.90 -15.30 17.41
N ALA A 677 -2.87 -16.36 16.60
CA ALA A 677 -1.61 -17.01 16.27
C ALA A 677 -0.73 -16.10 15.43
N ALA A 678 0.57 -16.21 15.62
CA ALA A 678 1.50 -15.39 14.85
C ALA A 678 1.49 -15.74 13.37
N ILE A 679 1.43 -17.03 13.04
CA ILE A 679 1.51 -17.48 11.65
C ILE A 679 0.19 -18.13 11.27
N ILE A 680 -0.53 -17.51 10.34
CA ILE A 680 -1.84 -17.97 9.90
C ILE A 680 -1.88 -18.24 8.41
N ALA A 681 -1.18 -17.43 7.62
CA ALA A 681 -1.12 -17.65 6.19
C ALA A 681 0.28 -17.37 5.67
N LYS A 682 0.70 -18.16 4.69
CA LYS A 682 1.87 -17.85 3.89
C LYS A 682 1.50 -17.96 2.42
N ILE A 683 2.37 -17.42 1.57
CA ILE A 683 2.20 -17.45 0.13
C ILE A 683 3.23 -18.39 -0.47
N ALA A 684 2.78 -19.30 -1.33
CA ALA A 684 3.64 -20.31 -1.93
C ALA A 684 3.22 -20.54 -3.36
N ASP A 685 4.15 -20.38 -4.30
CA ASP A 685 3.84 -20.39 -5.73
C ASP A 685 3.97 -21.83 -6.23
N TYR A 686 2.88 -22.38 -6.77
CA TYR A 686 2.88 -23.74 -7.28
C TYR A 686 2.98 -23.65 -8.79
N GLY A 687 4.11 -24.11 -9.34
CA GLY A 687 4.51 -23.69 -10.68
C GLY A 687 3.57 -24.14 -11.78
N ILE A 688 3.12 -25.40 -11.74
CA ILE A 688 2.58 -26.10 -12.93
C ILE A 688 3.22 -25.63 -14.22
N GLU A 701 1.73 -16.00 -16.61
CA GLU A 701 1.29 -14.62 -16.42
C GLU A 701 0.15 -14.54 -15.41
N GLY A 702 -0.48 -15.67 -15.12
CA GLY A 702 -1.58 -15.70 -14.19
C GLY A 702 -2.78 -16.45 -14.73
N THR A 703 -3.61 -16.94 -13.81
CA THR A 703 -4.78 -17.71 -14.18
C THR A 703 -5.82 -16.81 -14.84
N PRO A 704 -6.73 -17.38 -15.63
CA PRO A 704 -7.67 -16.54 -16.39
C PRO A 704 -8.75 -15.87 -15.54
N GLY A 705 -8.67 -15.94 -14.22
CA GLY A 705 -9.66 -15.28 -13.39
C GLY A 705 -9.09 -14.37 -12.33
N PHE A 706 -7.76 -14.26 -12.26
CA PHE A 706 -7.15 -13.49 -11.18
C PHE A 706 -6.05 -12.55 -11.64
N ARG A 707 -5.94 -12.25 -12.93
CA ARG A 707 -4.80 -11.47 -13.37
C ARG A 707 -5.16 -9.98 -13.49
N ALA A 708 -4.14 -9.16 -13.54
CA ALA A 708 -4.33 -7.74 -13.77
C ALA A 708 -4.83 -7.51 -15.20
N PRO A 709 -5.53 -6.41 -15.47
CA PRO A 709 -6.13 -6.25 -16.80
C PRO A 709 -5.11 -6.20 -17.92
N GLU A 710 -3.92 -5.67 -17.67
CA GLU A 710 -2.90 -5.58 -18.71
C GLU A 710 -2.37 -6.94 -19.14
N VAL A 711 -2.58 -7.97 -18.33
CA VAL A 711 -2.14 -9.30 -18.69
C VAL A 711 -3.30 -10.09 -19.29
N TYR A 718 2.43 -5.09 -15.79
CA TYR A 718 2.90 -6.43 -15.43
C TYR A 718 4.02 -6.27 -14.40
N ASN A 719 4.03 -5.10 -13.78
CA ASN A 719 5.00 -4.71 -12.77
C ASN A 719 4.48 -5.16 -11.40
N GLN A 720 5.03 -4.60 -10.33
CA GLN A 720 4.44 -4.73 -9.00
C GLN A 720 2.96 -4.38 -8.99
N GLN A 721 2.51 -3.57 -9.94
CA GLN A 721 1.15 -3.05 -9.87
C GLN A 721 0.14 -4.12 -10.28
N ALA A 722 0.55 -5.01 -11.19
CA ALA A 722 -0.27 -6.20 -11.46
C ALA A 722 -0.39 -7.07 -10.23
N ASP A 723 0.68 -7.15 -9.43
CA ASP A 723 0.59 -7.85 -8.17
C ASP A 723 -0.42 -7.21 -7.25
N VAL A 724 -0.43 -5.88 -7.19
CA VAL A 724 -1.38 -5.18 -6.32
C VAL A 724 -2.81 -5.44 -6.77
N TYR A 725 -3.06 -5.42 -8.07
CA TYR A 725 -4.38 -5.80 -8.57
C TYR A 725 -4.72 -7.23 -8.17
N SER A 726 -3.77 -8.14 -8.26
CA SER A 726 -4.02 -9.52 -7.83
C SER A 726 -4.36 -9.59 -6.35
N PHE A 727 -3.67 -8.78 -5.54
CA PHE A 727 -3.97 -8.73 -4.12
C PHE A 727 -5.37 -8.20 -3.86
N GLY A 728 -5.78 -7.19 -4.63
CA GLY A 728 -7.14 -6.69 -4.51
C GLY A 728 -8.17 -7.74 -4.84
N LEU A 729 -7.91 -8.53 -5.88
CA LEU A 729 -8.81 -9.65 -6.17
C LEU A 729 -8.82 -10.66 -5.04
N LEU A 730 -7.65 -10.95 -4.45
CA LEU A 730 -7.59 -11.84 -3.29
C LEU A 730 -8.44 -11.32 -2.14
N LEU A 731 -8.28 -10.04 -1.81
CA LEU A 731 -9.01 -9.46 -0.68
C LEU A 731 -10.49 -9.41 -0.94
N TYR A 732 -10.88 -9.13 -2.19
CA TYR A 732 -12.28 -9.27 -2.56
C TYR A 732 -12.76 -10.69 -2.34
N ASP A 733 -11.93 -11.68 -2.67
CA ASP A 733 -12.30 -13.07 -2.49
C ASP A 733 -12.46 -13.42 -1.01
N ILE A 734 -11.57 -12.91 -0.17
CA ILE A 734 -11.67 -13.15 1.27
C ILE A 734 -12.94 -12.52 1.83
N LEU A 735 -13.16 -11.24 1.52
CA LEU A 735 -14.31 -10.52 2.07
C LEU A 735 -15.61 -11.15 1.60
N THR A 736 -15.69 -11.50 0.33
CA THR A 736 -16.86 -12.19 -0.18
C THR A 736 -16.94 -13.63 0.32
N THR A 737 -15.82 -14.22 0.71
CA THR A 737 -15.72 -15.63 1.06
C THR A 737 -16.11 -16.52 -0.13
N GLY A 738 -15.36 -16.36 -1.21
CA GLY A 738 -15.46 -17.28 -2.33
C GLY A 738 -16.76 -17.23 -3.10
N GLY A 739 -17.51 -16.12 -3.02
CA GLY A 739 -18.72 -16.02 -3.80
C GLY A 739 -18.45 -16.00 -5.30
N ARG A 740 -17.50 -15.18 -5.73
CA ARG A 740 -17.16 -15.13 -7.14
C ARG A 740 -16.32 -16.33 -7.56
N ILE A 741 -15.70 -17.00 -6.58
CA ILE A 741 -14.88 -18.17 -6.89
C ILE A 741 -15.75 -19.28 -7.47
N VAL A 742 -16.90 -19.52 -6.86
CA VAL A 742 -17.83 -20.53 -7.34
C VAL A 742 -18.92 -19.89 -8.19
N GLN A 757 -10.41 -7.38 -19.37
CA GLN A 757 -11.34 -6.45 -18.74
C GLN A 757 -11.91 -7.04 -17.45
N GLY A 758 -12.49 -6.17 -16.63
CA GLY A 758 -13.13 -6.61 -15.39
C GLY A 758 -13.97 -5.52 -14.75
N LYS A 759 -15.18 -5.88 -14.33
CA LYS A 759 -16.09 -4.94 -13.66
C LYS A 759 -16.72 -5.68 -12.48
N LEU A 760 -16.21 -5.42 -11.28
CA LEU A 760 -16.62 -6.14 -10.10
C LEU A 760 -17.55 -5.28 -9.26
N PRO A 761 -18.84 -5.58 -9.19
CA PRO A 761 -19.76 -4.77 -8.38
C PRO A 761 -19.57 -5.04 -6.91
N ASP A 762 -20.27 -4.26 -6.10
CA ASP A 762 -20.05 -4.27 -4.66
C ASP A 762 -20.37 -5.63 -4.06
N PRO A 763 -19.52 -6.18 -3.19
CA PRO A 763 -19.81 -7.49 -2.60
C PRO A 763 -21.10 -7.54 -1.80
N VAL A 764 -21.46 -6.45 -1.13
CA VAL A 764 -22.66 -6.46 -0.30
C VAL A 764 -23.90 -6.55 -1.17
N LYS A 765 -23.85 -5.98 -2.37
CA LYS A 765 -25.03 -5.92 -3.22
C LYS A 765 -25.54 -7.30 -3.58
N GLU A 766 -24.66 -8.23 -3.94
CA GLU A 766 -25.11 -9.55 -4.35
C GLU A 766 -25.05 -10.56 -3.21
N TYR A 767 -23.86 -10.77 -2.65
CA TYR A 767 -23.65 -11.87 -1.72
C TYR A 767 -24.24 -11.62 -0.34
N GLY A 768 -24.62 -10.39 -0.03
CA GLY A 768 -25.19 -10.11 1.27
C GLY A 768 -24.21 -10.27 2.41
N CYS A 769 -22.91 -10.15 2.14
CA CYS A 769 -21.91 -10.24 3.18
C CYS A 769 -22.03 -9.06 4.14
N ALA A 770 -21.46 -9.24 5.32
CA ALA A 770 -21.49 -8.17 6.31
C ALA A 770 -20.69 -6.98 5.78
N PRO A 771 -21.29 -5.80 5.70
CA PRO A 771 -20.54 -4.63 5.21
C PRO A 771 -19.33 -4.37 6.09
N TRP A 772 -18.18 -4.19 5.44
CA TRP A 772 -16.92 -3.95 6.12
C TRP A 772 -16.28 -2.73 5.48
N PRO A 773 -16.71 -1.53 5.85
CA PRO A 773 -16.13 -0.32 5.27
C PRO A 773 -14.65 -0.20 5.54
N MET A 774 -14.02 0.70 4.78
CA MET A 774 -12.58 0.90 4.68
C MET A 774 -11.84 -0.40 4.38
N VAL A 775 -12.55 -1.39 3.86
CA VAL A 775 -11.96 -2.47 3.09
C VAL A 775 -12.58 -2.57 1.71
N GLU A 776 -13.87 -2.28 1.58
CA GLU A 776 -14.40 -2.03 0.25
C GLU A 776 -13.67 -0.87 -0.41
N LYS A 777 -13.28 0.13 0.38
CA LYS A 777 -12.45 1.20 -0.16
C LYS A 777 -11.10 0.69 -0.60
N LEU A 778 -10.46 -0.20 0.16
CA LEU A 778 -9.16 -0.71 -0.26
C LEU A 778 -9.27 -1.63 -1.48
N ILE A 779 -10.32 -2.44 -1.54
CA ILE A 779 -10.54 -3.24 -2.74
C ILE A 779 -10.70 -2.33 -3.94
N LYS A 780 -11.46 -1.24 -3.81
CA LYS A 780 -11.69 -0.36 -4.95
CA LYS A 780 -11.68 -0.38 -4.96
C LYS A 780 -10.44 0.45 -5.28
N GLN A 781 -9.61 0.73 -4.29
CA GLN A 781 -8.41 1.52 -4.55
C GLN A 781 -7.32 0.68 -5.21
N CYS A 782 -7.11 -0.55 -4.73
CA CYS A 782 -6.17 -1.44 -5.41
C CYS A 782 -6.68 -1.82 -6.78
N LEU A 783 -7.92 -2.28 -6.85
CA LEU A 783 -8.50 -2.84 -8.06
C LEU A 783 -8.92 -1.70 -8.99
N LYS A 784 -7.92 -1.10 -9.63
CA LYS A 784 -8.14 0.02 -10.54
C LYS A 784 -7.92 -0.41 -11.98
N GLU A 785 -8.56 0.33 -12.90
CA GLU A 785 -8.42 0.03 -14.31
C GLU A 785 -7.05 0.41 -14.87
N ASN A 786 -6.33 1.29 -14.20
CA ASN A 786 -4.99 1.62 -14.66
C ASN A 786 -3.99 1.54 -13.52
N PRO A 787 -2.76 1.11 -13.80
CA PRO A 787 -1.79 0.90 -12.73
C PRO A 787 -1.12 2.17 -12.23
N GLN A 788 -1.58 3.34 -12.66
CA GLN A 788 -0.83 4.55 -12.38
C GLN A 788 -0.97 5.03 -10.94
N GLU A 789 -2.17 4.95 -10.35
CA GLU A 789 -2.36 5.42 -8.98
C GLU A 789 -2.91 4.37 -8.03
N ARG A 790 -3.05 3.12 -8.45
CA ARG A 790 -3.38 2.07 -7.49
C ARG A 790 -2.23 1.91 -6.51
N PRO A 791 -2.51 1.59 -5.25
CA PRO A 791 -1.46 1.69 -4.22
C PRO A 791 -0.35 0.68 -4.43
N THR A 792 0.84 1.06 -3.98
CA THR A 792 1.92 0.09 -3.89
C THR A 792 1.70 -0.78 -2.65
N SER A 793 2.21 -2.01 -2.72
CA SER A 793 2.04 -2.91 -1.59
C SER A 793 2.90 -2.53 -0.40
N ALA A 794 3.82 -1.57 -0.57
CA ALA A 794 4.45 -0.99 0.61
C ALA A 794 3.43 -0.27 1.47
N GLN A 795 2.36 0.25 0.87
CA GLN A 795 1.32 0.95 1.62
C GLN A 795 0.02 0.18 1.74
N VAL A 796 -0.20 -0.86 0.93
CA VAL A 796 -1.37 -1.71 1.16
C VAL A 796 -1.27 -2.40 2.51
N PHE A 797 -0.08 -2.86 2.86
CA PHE A 797 0.16 -3.37 4.21
C PHE A 797 -0.16 -2.31 5.25
N ASP A 798 0.34 -1.09 5.06
CA ASP A 798 0.13 -0.05 6.05
C ASP A 798 -1.35 0.25 6.23
N ILE A 799 -2.11 0.18 5.13
CA ILE A 799 -3.55 0.40 5.22
C ILE A 799 -4.21 -0.72 6.00
N LEU A 800 -3.85 -1.98 5.69
CA LEU A 800 -4.47 -3.11 6.38
C LEU A 800 -4.06 -3.22 7.83
N ASN A 801 -2.97 -2.57 8.22
CA ASN A 801 -2.51 -2.61 9.60
C ASN A 801 -3.13 -1.46 10.38
N SER A 802 -4.39 -1.63 10.75
CA SER A 802 -5.09 -0.59 11.50
C SER A 802 -6.34 -1.15 12.17
N ALA A 803 -6.44 -0.94 13.49
CA ALA A 803 -7.62 -1.36 14.22
C ALA A 803 -8.87 -0.63 13.79
N GLU A 804 -8.74 0.58 13.25
CA GLU A 804 -9.88 1.24 12.64
C GLU A 804 -10.45 0.39 11.53
N LEU A 805 -9.57 -0.16 10.68
CA LEU A 805 -9.99 -1.11 9.67
C LEU A 805 -10.60 -2.36 10.29
N VAL A 806 -10.02 -2.83 11.39
CA VAL A 806 -10.50 -4.09 11.96
C VAL A 806 -11.93 -3.93 12.49
N CYS A 807 -12.22 -2.84 13.18
CA CYS A 807 -13.41 -2.75 14.03
C CYS A 807 -14.48 -1.80 13.54
N LEU A 808 -14.21 -0.93 12.57
CA LEU A 808 -15.24 -0.01 12.10
C LEU A 808 -16.29 -0.84 11.38
N THR A 809 -17.29 -1.28 12.13
CA THR A 809 -18.27 -2.23 11.61
C THR A 809 -19.10 -1.63 10.50
N ARG A 810 -19.50 -0.36 10.64
CA ARG A 810 -20.39 0.24 9.65
C ARG A 810 -20.19 1.74 9.65
N ARG A 811 -20.59 2.37 8.55
CA ARG A 811 -20.63 3.82 8.48
C ARG A 811 -21.78 4.21 7.56
N ILE A 812 -22.57 5.20 7.98
CA ILE A 812 -23.77 5.60 7.26
C ILE A 812 -23.74 7.11 7.08
N LEU A 813 -24.12 7.56 5.89
CA LEU A 813 -24.22 8.99 5.60
C LEU A 813 -25.69 9.39 5.52
N LEU A 814 -26.06 10.39 6.29
CA LEU A 814 -27.42 10.89 6.33
C LEU A 814 -27.69 11.78 5.11
N PRO A 815 -28.96 12.02 4.79
CA PRO A 815 -29.28 12.93 3.69
C PRO A 815 -28.64 14.30 3.86
N LYS A 816 -28.41 14.97 2.74
CA LYS A 816 -27.57 16.16 2.72
C LYS A 816 -28.18 17.29 3.53
N ASN A 817 -27.31 18.03 4.23
CA ASN A 817 -27.70 19.20 4.99
C ASN A 817 -28.78 18.88 6.02
N VAL A 818 -28.51 17.86 6.84
CA VAL A 818 -29.37 17.49 7.95
C VAL A 818 -28.53 17.55 9.22
N ILE A 819 -28.98 18.32 10.19
CA ILE A 819 -28.26 18.49 11.44
C ILE A 819 -29.00 17.74 12.54
N VAL A 820 -28.28 16.82 13.17
CA VAL A 820 -28.82 16.03 14.27
C VAL A 820 -27.84 16.07 15.43
N GLU A 821 -28.36 16.37 16.62
CA GLU A 821 -27.53 16.50 17.80
C GLU A 821 -27.92 15.57 18.94
N CYS A 822 -29.05 14.87 18.82
CA CYS A 822 -29.49 13.91 19.82
C CYS A 822 -30.07 12.69 19.13
N MET A 823 -29.80 11.51 19.70
CA MET A 823 -30.15 10.26 19.03
C MET A 823 -30.34 9.18 20.08
N VAL A 824 -31.23 8.24 19.78
CA VAL A 824 -31.50 7.11 20.66
C VAL A 824 -31.55 5.85 19.80
N ALA A 825 -31.17 4.73 20.39
CA ALA A 825 -31.28 3.45 19.71
C ALA A 825 -32.57 2.77 20.09
N THR A 826 -32.81 1.60 19.49
CA THR A 826 -33.96 0.77 19.82
C THR A 826 -33.50 -0.47 20.58
N HIS A 827 -34.17 -0.75 21.69
CA HIS A 827 -33.87 -1.95 22.47
C HIS A 827 -34.76 -3.10 21.99
N HIS A 828 -34.51 -3.49 20.73
CA HIS A 828 -35.22 -4.60 20.09
C HIS A 828 -36.73 -4.41 20.08
N ASN A 832 -34.53 -5.50 13.02
CA ASN A 832 -34.27 -5.81 14.42
C ASN A 832 -33.46 -4.70 15.08
N ALA A 833 -32.92 -3.79 14.27
CA ALA A 833 -32.16 -2.65 14.75
C ALA A 833 -32.74 -1.38 14.18
N SER A 834 -32.83 -0.34 15.00
CA SER A 834 -33.41 0.93 14.59
C SER A 834 -32.83 2.04 15.44
N ILE A 835 -32.85 3.25 14.90
CA ILE A 835 -32.34 4.45 15.58
C ILE A 835 -33.29 5.60 15.29
N TRP A 836 -33.46 6.48 16.27
CA TRP A 836 -34.29 7.68 16.13
C TRP A 836 -33.43 8.89 16.40
N LEU A 837 -33.43 9.84 15.48
CA LEU A 837 -32.60 11.04 15.57
C LEU A 837 -33.46 12.28 15.72
N GLY A 838 -32.94 13.24 16.47
CA GLY A 838 -33.61 14.52 16.58
C GLY A 838 -32.98 15.56 15.67
N CYS A 839 -33.62 15.81 14.54
CA CYS A 839 -33.04 16.69 13.53
C CYS A 839 -33.24 18.15 13.92
N GLY A 840 -32.22 18.96 13.65
CA GLY A 840 -32.25 20.36 14.03
C GLY A 840 -31.86 21.32 12.94
N HIS A 841 -31.90 20.87 11.69
CA HIS A 841 -31.55 21.75 10.57
C HIS A 841 -32.59 22.86 10.39
N THR A 842 -33.86 22.55 10.61
CA THR A 842 -34.93 23.54 10.59
C THR A 842 -35.36 23.80 12.03
N ASP A 843 -35.55 25.07 12.39
CA ASP A 843 -35.83 25.41 13.77
C ASP A 843 -37.29 25.14 14.11
N ARG A 844 -37.74 23.93 13.77
CA ARG A 844 -38.99 23.36 14.25
C ARG A 844 -38.70 21.94 14.67
N GLY A 845 -39.72 21.17 15.03
CA GLY A 845 -39.50 19.79 15.44
C GLY A 845 -39.33 18.83 14.28
N GLN A 846 -38.23 18.09 14.28
CA GLN A 846 -37.90 17.19 13.17
C GLN A 846 -37.33 15.91 13.74
N LEU A 847 -38.04 14.80 13.55
CA LEU A 847 -37.62 13.52 14.11
C LEU A 847 -37.47 12.50 12.98
N SER A 848 -36.32 11.83 12.94
CA SER A 848 -35.99 10.95 11.84
C SER A 848 -35.84 9.51 12.34
N PHE A 849 -36.25 8.56 11.51
CA PHE A 849 -36.13 7.15 11.81
C PHE A 849 -35.15 6.51 10.84
N LEU A 850 -34.13 5.83 11.37
CA LEU A 850 -33.10 5.19 10.57
C LEU A 850 -33.08 3.70 10.89
N ASP A 851 -32.84 2.89 9.86
CA ASP A 851 -32.75 1.45 10.03
C ASP A 851 -31.38 0.98 9.60
N LEU A 852 -30.70 0.25 10.50
CA LEU A 852 -29.31 -0.09 10.31
C LEU A 852 -29.10 -1.20 9.29
N ASN A 853 -29.92 -2.26 9.34
CA ASN A 853 -29.76 -3.36 8.40
C ASN A 853 -30.14 -2.94 6.98
N THR A 854 -31.29 -2.29 6.82
CA THR A 854 -31.77 -1.85 5.53
C THR A 854 -32.06 -0.36 5.61
N GLU A 855 -31.28 0.45 4.88
CA GLU A 855 -31.35 1.90 5.02
C GLU A 855 -32.76 2.42 4.76
N GLY A 856 -33.36 3.01 5.79
CA GLY A 856 -34.75 3.43 5.71
C GLY A 856 -35.03 4.79 6.31
N TYR A 857 -34.10 5.73 6.12
CA TYR A 857 -34.23 7.06 6.70
C TYR A 857 -35.53 7.72 6.29
N THR A 858 -36.41 7.96 7.26
CA THR A 858 -37.67 8.64 7.05
C THR A 858 -37.84 9.73 8.10
N SER A 859 -38.01 10.97 7.65
CA SER A 859 -38.07 12.11 8.56
C SER A 859 -39.49 12.66 8.62
N GLU A 860 -39.96 12.90 9.84
CA GLU A 860 -41.30 13.45 10.07
C GLU A 860 -41.20 14.76 10.83
N GLU A 861 -42.14 15.65 10.54
CA GLU A 861 -42.23 16.98 11.13
C GLU A 861 -43.21 16.87 12.29
N VAL A 862 -42.68 16.80 13.51
CA VAL A 862 -43.49 16.68 14.71
C VAL A 862 -42.99 17.66 15.74
N ALA A 863 -43.92 18.24 16.51
CA ALA A 863 -43.63 19.17 17.60
C ALA A 863 -43.23 20.54 17.06
N ASP A 864 -43.45 21.58 17.86
CA ASP A 864 -43.32 22.95 17.39
C ASP A 864 -41.88 23.39 17.18
N SER A 865 -41.00 23.10 18.12
CA SER A 865 -39.63 23.58 18.04
C SER A 865 -38.65 22.42 17.94
N ARG A 866 -37.38 22.75 17.76
CA ARG A 866 -36.35 21.74 17.55
C ARG A 866 -36.31 20.76 18.72
N ILE A 867 -36.16 19.48 18.41
CA ILE A 867 -36.06 18.45 19.43
C ILE A 867 -34.65 18.42 20.00
N LEU A 868 -34.55 18.49 21.33
CA LEU A 868 -33.26 18.59 22.00
C LEU A 868 -32.69 17.25 22.44
N CYS A 869 -33.51 16.36 23.00
CA CYS A 869 -32.99 15.04 23.35
C CYS A 869 -34.13 14.04 23.42
N LEU A 870 -33.84 12.82 23.01
CA LEU A 870 -34.79 11.72 23.09
C LEU A 870 -34.37 10.72 24.15
N ALA A 871 -35.34 9.92 24.56
CA ALA A 871 -35.10 8.77 25.43
C ALA A 871 -36.23 7.78 25.23
N LEU A 872 -35.99 6.56 25.68
CA LEU A 872 -36.91 5.44 25.50
C LEU A 872 -37.52 5.04 26.82
N VAL A 873 -38.80 4.68 26.77
CA VAL A 873 -39.45 4.01 27.89
C VAL A 873 -40.17 2.78 27.34
N HIS A 874 -39.95 1.64 27.99
N HIS A 874 -40.02 1.66 28.03
CA HIS A 874 -40.46 0.34 27.57
CA HIS A 874 -40.44 0.35 27.59
C HIS A 874 -41.73 -0.02 28.33
C HIS A 874 -41.66 -0.11 28.38
N LEU A 875 -42.48 -0.96 27.75
CA LEU A 875 -43.72 -1.45 28.35
C LEU A 875 -43.75 -2.98 28.29
N PRO A 876 -42.97 -3.65 29.14
CA PRO A 876 -42.96 -5.11 29.14
C PRO A 876 -44.28 -5.72 29.64
N SER A 881 -43.93 0.08 23.17
CA SER A 881 -43.12 1.01 23.95
C SER A 881 -43.34 2.44 23.51
N TRP A 882 -42.67 3.38 24.19
CA TRP A 882 -42.88 4.80 24.01
C TRP A 882 -41.53 5.47 23.79
N ILE A 883 -41.48 6.41 22.85
CA ILE A 883 -40.33 7.29 22.64
C ILE A 883 -40.71 8.68 23.13
N VAL A 884 -39.87 9.25 23.99
CA VAL A 884 -40.13 10.55 24.60
C VAL A 884 -39.16 11.55 24.00
N SER A 885 -39.70 12.50 23.24
CA SER A 885 -38.91 13.52 22.58
C SER A 885 -39.11 14.82 23.34
N GLY A 886 -38.01 15.49 23.67
CA GLY A 886 -38.06 16.72 24.40
C GLY A 886 -37.69 17.90 23.50
N THR A 887 -38.57 18.90 23.47
CA THR A 887 -38.46 19.99 22.53
C THR A 887 -38.11 21.29 23.23
N GLN A 888 -37.51 22.21 22.47
CA GLN A 888 -37.05 23.47 23.03
C GLN A 888 -38.17 24.32 23.60
N SER A 889 -39.39 24.21 23.07
CA SER A 889 -40.52 24.93 23.65
C SER A 889 -40.76 24.47 25.08
N GLY A 890 -40.37 23.25 25.39
CA GLY A 890 -40.54 22.70 26.72
C GLY A 890 -41.48 21.52 26.78
N THR A 891 -42.32 21.32 25.77
CA THR A 891 -43.25 20.20 25.80
C THR A 891 -42.47 18.92 25.59
N LEU A 892 -42.88 17.87 26.27
CA LEU A 892 -42.37 16.54 26.03
C LEU A 892 -43.43 15.75 25.26
N LEU A 893 -43.08 15.23 24.11
CA LEU A 893 -44.05 14.58 23.25
C LEU A 893 -43.69 13.11 23.15
N VAL A 894 -44.69 12.25 23.29
CA VAL A 894 -44.51 10.81 23.29
C VAL A 894 -45.12 10.25 22.02
N ILE A 895 -44.36 9.39 21.32
CA ILE A 895 -44.79 8.78 20.07
C ILE A 895 -44.86 7.28 20.29
N ASN A 896 -45.86 6.63 19.69
CA ASN A 896 -45.90 5.18 19.69
C ASN A 896 -44.74 4.62 18.88
N THR A 897 -44.01 3.68 19.49
CA THR A 897 -42.87 3.08 18.83
C THR A 897 -43.25 2.09 17.75
N GLU A 898 -44.25 1.24 18.00
CA GLU A 898 -44.63 0.21 17.05
C GLU A 898 -45.75 0.67 16.14
N ASP A 899 -46.93 0.97 16.72
CA ASP A 899 -48.08 1.33 15.91
C ASP A 899 -47.87 2.69 15.24
N GLY A 900 -47.39 3.67 15.99
CA GLY A 900 -47.12 4.98 15.44
C GLY A 900 -48.32 5.89 15.30
N LYS A 901 -49.51 5.43 15.69
CA LYS A 901 -50.70 6.27 15.59
C LYS A 901 -51.02 6.93 16.92
N LYS A 902 -50.98 6.16 18.01
CA LYS A 902 -51.31 6.69 19.33
C LYS A 902 -50.17 7.59 19.80
N ARG A 903 -50.37 8.90 19.70
CA ARG A 903 -49.35 9.88 20.04
C ARG A 903 -49.98 10.99 20.86
N HIS A 904 -49.22 11.53 21.80
CA HIS A 904 -49.73 12.58 22.67
C HIS A 904 -48.57 13.31 23.31
N THR A 905 -48.88 14.45 23.93
CA THR A 905 -47.89 15.27 24.61
C THR A 905 -47.90 14.99 26.11
N LEU A 906 -47.08 15.75 26.83
CA LEU A 906 -47.05 15.70 28.29
C LEU A 906 -47.07 17.12 28.85
N GLU A 907 -46.79 17.26 30.15
CA GLU A 907 -46.82 18.57 30.76
C GLU A 907 -45.81 19.51 30.13
N LYS A 908 -46.29 20.66 29.69
CA LYS A 908 -45.42 21.74 29.26
C LYS A 908 -44.55 22.18 30.42
N MET A 909 -43.27 22.38 30.16
CA MET A 909 -42.33 22.76 31.21
C MET A 909 -41.92 24.21 31.04
N THR A 910 -41.40 24.78 32.13
CA THR A 910 -41.17 26.22 32.17
C THR A 910 -40.19 26.66 31.08
N ASP A 911 -39.08 25.95 30.95
CA ASP A 911 -38.10 26.26 29.93
C ASP A 911 -37.84 25.01 29.10
N SER A 912 -36.84 25.10 28.22
CA SER A 912 -36.53 23.98 27.34
C SER A 912 -36.08 22.77 28.15
N VAL A 913 -36.34 21.59 27.62
CA VAL A 913 -35.86 20.34 28.19
C VAL A 913 -34.53 20.02 27.58
N THR A 914 -33.62 19.46 28.38
CA THR A 914 -32.26 19.19 27.94
C THR A 914 -31.96 17.70 27.91
N CYS A 915 -32.13 17.00 29.02
CA CYS A 915 -31.71 15.62 29.13
C CYS A 915 -32.88 14.75 29.57
N LEU A 916 -32.92 13.51 29.08
CA LEU A 916 -33.98 12.59 29.44
C LEU A 916 -33.42 11.26 29.89
N TYR A 917 -33.89 10.79 31.03
CA TYR A 917 -33.74 9.41 31.53
C TYR A 917 -32.26 9.17 31.80
N CYS A 918 -31.61 8.23 31.11
CA CYS A 918 -30.32 7.67 31.50
C CYS A 918 -30.41 7.12 32.93
N ASN A 919 -31.28 6.13 33.08
CA ASN A 919 -31.51 5.47 34.36
C ASN A 919 -31.07 4.01 34.28
N PHE A 930 -36.43 6.52 36.81
CA PHE A 930 -37.53 6.35 35.88
C PHE A 930 -38.14 7.67 35.37
N LEU A 931 -38.06 7.81 34.04
CA LEU A 931 -38.20 8.98 33.18
C LEU A 931 -37.74 10.27 33.88
N LEU A 932 -36.48 10.34 34.26
CA LEU A 932 -35.93 11.60 34.72
C LEU A 932 -36.03 12.62 33.58
N VAL A 933 -36.28 13.88 33.90
CA VAL A 933 -36.38 14.93 32.88
C VAL A 933 -35.65 16.17 33.38
N GLY A 934 -34.56 16.53 32.74
CA GLY A 934 -33.83 17.70 33.14
C GLY A 934 -33.97 18.83 32.15
N THR A 935 -34.53 19.94 32.60
CA THR A 935 -34.83 21.10 31.76
C THR A 935 -33.63 22.04 31.71
N ALA A 936 -33.85 23.24 31.17
CA ALA A 936 -32.81 24.24 31.00
C ALA A 936 -32.77 25.25 32.13
N ASP A 937 -33.53 25.04 33.21
CA ASP A 937 -33.48 25.90 34.39
C ASP A 937 -33.13 25.14 35.65
N GLY A 938 -32.64 23.91 35.54
CA GLY A 938 -32.31 23.09 36.69
C GLY A 938 -33.48 22.38 37.32
N LYS A 939 -34.68 22.59 36.80
CA LYS A 939 -35.92 22.09 37.40
C LYS A 939 -36.11 20.66 36.94
N LEU A 940 -35.52 19.72 37.69
CA LEU A 940 -35.53 18.33 37.26
C LEU A 940 -36.83 17.68 37.72
N ALA A 941 -37.51 17.01 36.81
CA ALA A 941 -38.77 16.35 37.12
C ALA A 941 -38.60 14.84 37.06
N ILE A 942 -39.52 14.13 37.71
CA ILE A 942 -39.58 12.67 37.65
C ILE A 942 -40.85 12.30 36.90
N PHE A 943 -40.74 11.39 35.95
CA PHE A 943 -41.91 10.83 35.28
C PHE A 943 -41.84 9.31 35.35
N GLU A 944 -42.88 8.70 35.92
CA GLU A 944 -42.91 7.26 36.03
C GLU A 944 -43.30 6.60 34.72
N ASP A 945 -42.87 5.35 34.57
CA ASP A 945 -43.12 4.61 33.35
C ASP A 945 -44.62 4.48 33.07
N LYS A 946 -45.43 4.39 34.11
CA LYS A 946 -46.87 4.28 33.93
C LYS A 946 -47.53 5.61 33.62
N THR A 947 -46.88 6.73 33.91
CA THR A 947 -47.50 8.04 33.72
C THR A 947 -47.65 8.38 32.25
N VAL A 948 -46.65 8.03 31.42
CA VAL A 948 -46.66 8.37 30.01
C VAL A 948 -47.81 7.73 29.25
N LYS A 949 -48.43 6.68 29.81
CA LYS A 949 -49.60 6.10 29.17
C LYS A 949 -50.76 7.08 29.12
N LEU A 950 -50.78 8.07 30.01
CA LEU A 950 -51.88 9.01 30.08
C LEU A 950 -51.45 10.38 29.58
N LYS A 951 -52.34 11.04 28.85
CA LYS A 951 -52.04 12.33 28.22
C LYS A 951 -51.86 13.41 29.28
N GLY A 952 -50.87 14.27 29.08
CA GLY A 952 -50.66 15.41 29.95
C GLY A 952 -50.32 15.01 31.36
N ALA A 953 -49.33 14.14 31.51
CA ALA A 953 -49.03 13.55 32.80
C ALA A 953 -48.45 14.59 33.76
N ALA A 954 -48.37 14.20 35.02
CA ALA A 954 -47.84 15.03 36.07
C ALA A 954 -46.66 14.32 36.73
N PRO A 955 -45.63 15.07 37.12
CA PRO A 955 -44.47 14.45 37.76
C PRO A 955 -44.80 13.89 39.14
N LEU A 956 -44.12 12.80 39.48
CA LEU A 956 -44.16 12.35 40.87
C LEU A 956 -43.60 13.43 41.78
N LYS A 957 -42.51 14.06 41.38
CA LYS A 957 -42.03 15.27 42.04
C LYS A 957 -41.12 16.02 41.08
N ILE A 958 -41.13 17.34 41.24
CA ILE A 958 -40.22 18.23 40.54
C ILE A 958 -39.34 18.89 41.58
N LEU A 959 -38.04 18.62 41.53
CA LEU A 959 -37.10 19.24 42.44
C LEU A 959 -36.26 20.26 41.69
N ASN A 960 -36.16 21.46 42.24
CA ASN A 960 -35.36 22.50 41.62
C ASN A 960 -33.95 22.43 42.16
N ILE A 961 -32.97 22.46 41.25
CA ILE A 961 -31.59 22.21 41.62
C ILE A 961 -30.75 23.48 41.56
N GLY A 962 -31.05 24.40 40.66
CA GLY A 962 -30.30 25.64 40.53
C GLY A 962 -31.16 26.71 39.90
N ASN A 963 -30.57 27.89 39.75
CA ASN A 963 -31.31 29.02 39.21
C ASN A 963 -31.67 28.78 37.74
N VAL A 964 -32.45 29.70 37.17
CA VAL A 964 -32.90 29.56 35.81
C VAL A 964 -31.74 29.66 34.83
N SER A 965 -30.75 30.51 35.14
CA SER A 965 -29.64 30.74 34.23
C SER A 965 -28.72 29.54 34.09
N THR A 966 -28.84 28.52 34.95
CA THR A 966 -27.99 27.34 34.86
C THR A 966 -28.82 26.14 34.43
N PRO A 967 -28.70 25.68 33.19
CA PRO A 967 -29.46 24.51 32.76
C PRO A 967 -28.91 23.23 33.37
N LEU A 968 -29.82 22.28 33.60
CA LEU A 968 -29.46 20.94 34.05
C LEU A 968 -29.24 20.09 32.81
N MET A 969 -28.01 19.62 32.60
CA MET A 969 -27.61 19.08 31.31
C MET A 969 -27.45 17.58 31.29
N CYS A 970 -26.83 16.97 32.29
CA CYS A 970 -26.50 15.56 32.22
C CYS A 970 -26.98 14.81 33.45
N LEU A 971 -27.61 13.65 33.21
CA LEU A 971 -27.95 12.68 34.24
C LEU A 971 -27.40 11.33 33.84
N SER A 972 -26.83 10.60 34.80
CA SER A 972 -26.09 9.39 34.55
C SER A 972 -26.43 8.30 35.56
N GLU A 973 -26.48 7.07 35.06
CA GLU A 973 -26.65 5.86 35.87
C GLU A 973 -25.30 5.27 36.22
N SER A 974 -25.16 4.80 37.46
CA SER A 974 -23.91 4.18 37.88
C SER A 974 -23.98 2.66 37.76
N ARG A 980 -25.21 0.97 45.29
CA ARG A 980 -24.63 1.38 44.02
C ARG A 980 -25.70 1.79 43.01
N ASN A 981 -26.91 2.05 43.51
CA ASN A 981 -28.02 2.52 42.68
C ASN A 981 -28.28 3.97 43.06
N VAL A 982 -27.51 4.87 42.45
CA VAL A 982 -27.63 6.29 42.67
C VAL A 982 -27.52 6.98 41.31
N MET A 983 -28.30 8.04 41.11
CA MET A 983 -28.28 8.78 39.86
C MET A 983 -27.43 10.03 40.05
N TRP A 984 -26.46 10.24 39.17
CA TRP A 984 -25.62 11.42 39.26
C TRP A 984 -26.00 12.42 38.18
N GLY A 985 -25.52 13.64 38.33
CA GLY A 985 -25.88 14.66 37.37
C GLY A 985 -25.03 15.89 37.51
N GLY A 986 -25.09 16.73 36.48
CA GLY A 986 -24.40 18.00 36.50
C GLY A 986 -25.26 19.11 35.95
N CYS A 987 -25.42 20.20 36.70
CA CYS A 987 -26.16 21.36 36.23
C CYS A 987 -25.31 22.60 36.45
N GLY A 988 -25.22 23.45 35.43
CA GLY A 988 -24.43 24.64 35.55
C GLY A 988 -22.98 24.28 35.85
N THR A 989 -22.56 24.49 37.09
CA THR A 989 -21.20 24.16 37.48
C THR A 989 -21.19 23.29 38.73
N LYS A 990 -22.31 22.63 39.03
CA LYS A 990 -22.47 21.86 40.25
C LYS A 990 -22.89 20.44 39.92
N ILE A 991 -22.24 19.49 40.57
CA ILE A 991 -22.59 18.07 40.44
C ILE A 991 -23.57 17.73 41.55
N PHE A 992 -24.35 16.69 41.34
CA PHE A 992 -25.29 16.25 42.36
C PHE A 992 -25.55 14.76 42.19
N SER A 993 -26.18 14.17 43.20
CA SER A 993 -26.56 12.78 43.13
C SER A 993 -27.79 12.57 43.98
N PHE A 994 -28.60 11.57 43.63
CA PHE A 994 -29.79 11.30 44.40
C PHE A 994 -30.17 9.83 44.30
N SER A 995 -30.80 9.34 45.36
CA SER A 995 -31.23 7.97 45.50
C SER A 995 -32.70 7.83 45.12
N ASN A 996 -33.29 6.66 45.38
CA ASN A 996 -34.69 6.42 45.05
C ASN A 996 -35.63 7.29 45.88
N ASP A 997 -35.14 7.89 46.96
CA ASP A 997 -35.93 8.90 47.67
C ASP A 997 -36.17 10.12 46.79
N PHE A 998 -35.28 10.36 45.82
CA PHE A 998 -35.39 11.48 44.87
C PHE A 998 -35.20 12.83 45.55
N THR A 999 -34.25 12.89 46.48
CA THR A 999 -33.74 14.16 46.99
C THR A 999 -32.21 14.13 46.96
N ILE A 1000 -31.61 15.25 46.59
CA ILE A 1000 -30.18 15.26 46.34
C ILE A 1000 -29.43 15.01 47.64
N GLN A 1001 -28.51 14.04 47.61
CA GLN A 1001 -27.75 13.69 48.80
C GLN A 1001 -26.35 14.28 48.80
N LYS A 1002 -25.91 14.83 47.68
CA LYS A 1002 -24.59 15.46 47.59
C LYS A 1002 -24.64 16.47 46.46
N LEU A 1003 -23.99 17.62 46.67
CA LEU A 1003 -23.99 18.69 45.68
C LEU A 1003 -22.56 19.22 45.60
N ILE A 1004 -21.76 18.61 44.71
CA ILE A 1004 -20.36 18.93 44.60
C ILE A 1004 -20.18 20.26 43.88
N GLU A 1005 -19.31 21.11 44.41
CA GLU A 1005 -19.02 22.43 43.85
C GLU A 1005 -17.76 22.31 43.01
N THR A 1006 -17.81 22.79 41.77
CA THR A 1006 -16.73 22.53 40.82
C THR A 1006 -16.02 23.77 40.26
N ARG A 1007 -16.63 24.95 40.29
CA ARG A 1007 -15.96 26.10 39.68
C ARG A 1007 -14.69 26.47 40.44
N THR A 1008 -14.66 26.19 41.75
CA THR A 1008 -13.50 26.52 42.57
C THR A 1008 -12.25 25.81 42.09
N SER A 1009 -12.41 24.75 41.30
CA SER A 1009 -11.28 24.03 40.72
C SER A 1009 -10.54 24.88 39.69
N GLN A 1010 -10.94 26.15 39.54
CA GLN A 1010 -10.27 27.01 38.57
C GLN A 1010 -8.79 27.20 38.89
N LEU A 1011 -8.38 26.91 40.13
CA LEU A 1011 -6.95 26.91 40.45
C LEU A 1011 -6.19 26.01 39.49
N PHE A 1012 -6.77 24.85 39.18
CA PHE A 1012 -6.25 23.99 38.13
C PHE A 1012 -6.87 24.41 36.80
N SER A 1013 -6.09 24.28 35.73
CA SER A 1013 -6.47 24.82 34.42
C SER A 1013 -6.69 26.32 34.59
N TYR A 1014 -7.70 26.91 33.97
CA TYR A 1014 -7.97 28.32 34.16
C TYR A 1014 -9.43 28.63 33.85
N ALA A 1015 -9.79 29.89 34.09
CA ALA A 1015 -11.19 30.29 34.21
C ALA A 1015 -12.01 30.05 32.95
N ALA A 1016 -11.46 30.36 31.78
CA ALA A 1016 -12.23 30.25 30.54
C ALA A 1016 -12.72 28.83 30.31
N PHE A 1017 -12.04 27.85 30.89
CA PHE A 1017 -12.44 26.45 30.78
C PHE A 1017 -13.18 25.98 32.02
N SER A 1018 -12.74 26.39 33.21
CA SER A 1018 -13.31 25.86 34.44
C SER A 1018 -14.69 26.43 34.73
N ASP A 1019 -14.96 27.66 34.30
CA ASP A 1019 -16.21 28.32 34.68
C ASP A 1019 -17.35 28.06 33.70
N SER A 1020 -17.14 27.22 32.68
CA SER A 1020 -18.19 26.91 31.75
C SER A 1020 -19.24 25.99 32.41
N ASN A 1021 -20.21 25.56 31.62
CA ASN A 1021 -21.23 24.66 32.11
C ASN A 1021 -20.64 23.26 32.30
N ILE A 1022 -21.50 22.32 32.67
CA ILE A 1022 -21.18 20.88 32.63
C ILE A 1022 -22.20 20.19 31.74
N ILE A 1023 -21.72 19.43 30.77
CA ILE A 1023 -22.56 18.85 29.74
C ILE A 1023 -22.64 17.33 29.84
N THR A 1024 -21.57 16.67 30.26
CA THR A 1024 -21.60 15.22 30.46
C THR A 1024 -20.82 14.84 31.71
N VAL A 1025 -21.35 13.86 32.43
CA VAL A 1025 -20.67 13.22 33.55
C VAL A 1025 -20.78 11.72 33.37
N VAL A 1026 -19.69 11.00 33.62
CA VAL A 1026 -19.74 9.56 33.76
C VAL A 1026 -18.95 9.18 35.00
N VAL A 1027 -19.20 7.98 35.50
CA VAL A 1027 -18.65 7.57 36.78
C VAL A 1027 -18.59 6.05 36.81
N ASP A 1028 -17.48 5.54 37.29
CA ASP A 1028 -17.38 4.17 37.78
C ASP A 1028 -16.63 4.11 39.10
N THR A 1029 -15.56 4.88 39.25
CA THR A 1029 -14.87 5.07 40.51
C THR A 1029 -14.64 6.53 40.84
N ALA A 1030 -14.79 7.43 39.87
CA ALA A 1030 -14.80 8.86 40.10
C ALA A 1030 -15.59 9.50 38.96
N LEU A 1031 -16.22 10.63 39.26
CA LEU A 1031 -17.00 11.33 38.25
C LEU A 1031 -16.08 11.89 37.17
N TYR A 1032 -16.36 11.55 35.92
CA TYR A 1032 -15.61 12.05 34.77
C TYR A 1032 -16.52 13.08 34.11
N ILE A 1033 -16.29 14.36 34.41
CA ILE A 1033 -17.17 15.43 33.96
C ILE A 1033 -16.53 16.13 32.78
N ALA A 1034 -17.34 16.43 31.78
CA ALA A 1034 -16.92 17.23 30.64
C ALA A 1034 -17.73 18.52 30.63
N LYS A 1035 -17.04 19.63 30.44
CA LYS A 1035 -17.66 20.94 30.43
C LYS A 1035 -17.99 21.34 29.01
N GLN A 1036 -18.69 22.45 28.85
CA GLN A 1036 -19.01 22.95 27.53
C GLN A 1036 -17.81 23.67 26.96
N ASN A 1037 -17.28 23.17 25.85
CA ASN A 1037 -16.14 23.77 25.15
C ASN A 1037 -14.95 23.94 26.09
N SER A 1038 -14.44 22.79 26.54
CA SER A 1038 -13.29 22.75 27.43
C SER A 1038 -12.55 21.44 27.24
N PRO A 1039 -11.30 21.46 26.78
CA PRO A 1039 -10.56 20.21 26.59
C PRO A 1039 -10.37 19.43 27.88
N VAL A 1040 -10.24 20.10 29.01
CA VAL A 1040 -9.96 19.40 30.26
C VAL A 1040 -11.19 18.60 30.67
N VAL A 1041 -11.02 17.31 30.85
CA VAL A 1041 -12.06 16.42 31.38
C VAL A 1041 -11.67 16.09 32.81
N GLU A 1042 -12.57 16.37 33.75
CA GLU A 1042 -12.21 16.43 35.15
C GLU A 1042 -12.63 15.17 35.91
N VAL A 1043 -11.88 14.87 36.97
CA VAL A 1043 -12.06 13.67 37.77
C VAL A 1043 -12.40 14.10 39.20
N TRP A 1044 -13.59 13.75 39.65
CA TRP A 1044 -14.13 14.16 40.94
C TRP A 1044 -14.44 12.92 41.78
N ASP A 1045 -13.65 12.69 42.84
CA ASP A 1045 -13.92 11.56 43.71
C ASP A 1045 -15.26 11.72 44.41
N LYS A 1046 -16.02 10.63 44.47
CA LYS A 1046 -17.33 10.65 45.11
C LYS A 1046 -17.22 10.81 46.62
N LYS A 1047 -16.26 10.15 47.26
CA LYS A 1047 -16.19 10.16 48.72
C LYS A 1047 -15.59 11.47 49.22
N THR A 1048 -14.35 11.75 48.84
CA THR A 1048 -13.66 12.95 49.29
C THR A 1048 -14.31 14.23 48.77
N GLU A 1049 -15.00 14.15 47.64
CA GLU A 1049 -15.63 15.31 47.01
C GLU A 1049 -14.57 16.38 46.76
N LYS A 1050 -13.62 16.01 45.89
CA LYS A 1050 -12.48 16.87 45.63
C LYS A 1050 -11.85 16.42 44.33
N LEU A 1051 -11.45 17.39 43.52
CA LEU A 1051 -10.84 17.10 42.22
C LEU A 1051 -9.52 16.37 42.43
N CYS A 1052 -9.42 15.17 41.84
CA CYS A 1052 -8.19 14.38 41.96
C CYS A 1052 -7.56 14.07 40.61
N GLY A 1053 -8.18 14.47 39.51
CA GLY A 1053 -7.59 14.26 38.21
C GLY A 1053 -8.19 15.18 37.17
N LEU A 1054 -7.37 15.54 36.18
CA LEU A 1054 -7.81 16.34 35.04
C LEU A 1054 -7.01 15.91 33.83
N ILE A 1055 -7.71 15.70 32.72
CA ILE A 1055 -7.11 15.15 31.51
C ILE A 1055 -7.03 16.26 30.48
N ASP A 1056 -5.81 16.71 30.17
CA ASP A 1056 -5.60 17.73 29.15
C ASP A 1056 -5.74 17.06 27.79
N CYS A 1057 -6.91 17.19 27.18
CA CYS A 1057 -7.17 16.53 25.91
C CYS A 1057 -6.21 17.04 24.83
N VAL A 1058 -5.95 18.35 24.80
CA VAL A 1058 -5.03 18.88 23.80
C VAL A 1058 -3.64 18.32 23.99
N HIS A 1059 -3.26 18.02 25.24
CA HIS A 1059 -1.95 17.43 25.49
C HIS A 1059 -1.84 16.06 24.85
N PHE A 1060 -2.91 15.27 24.90
CA PHE A 1060 -2.91 14.00 24.18
C PHE A 1060 -2.91 14.23 22.68
N LEU A 1061 -3.60 15.26 22.22
CA LEU A 1061 -3.71 15.49 20.78
C LEU A 1061 -2.44 16.06 20.17
N ARG A 1062 -1.55 16.63 20.98
CA ARG A 1062 -0.32 17.21 20.44
C ARG A 1062 0.51 16.18 19.69
N GLU A 1063 0.42 14.90 20.08
CA GLU A 1063 1.21 13.87 19.40
C GLU A 1063 0.81 13.74 17.94
N VAL A 1064 -0.49 13.73 17.65
CA VAL A 1064 -0.96 13.57 16.29
C VAL A 1064 -1.96 14.67 15.93
N TYR A 1078 -9.31 19.70 14.05
CA TYR A 1078 -8.31 19.71 15.12
C TYR A 1078 -8.70 20.73 16.18
N SER A 1079 -9.53 20.33 17.13
CA SER A 1079 -10.01 21.24 18.17
C SER A 1079 -9.45 20.90 19.54
N GLY A 1080 -9.77 19.73 20.05
CA GLY A 1080 -9.36 19.33 21.38
C GLY A 1080 -10.39 19.55 22.46
N ARG A 1081 -11.36 20.45 22.24
CA ARG A 1081 -12.45 20.59 23.19
C ARG A 1081 -13.35 19.38 23.11
N VAL A 1082 -13.67 18.82 24.27
CA VAL A 1082 -14.54 17.65 24.30
C VAL A 1082 -15.96 18.04 23.96
N LYS A 1083 -16.62 17.23 23.15
CA LYS A 1083 -18.03 17.46 22.90
C LYS A 1083 -18.92 16.29 23.27
N THR A 1084 -18.39 15.07 23.26
CA THR A 1084 -19.12 13.96 23.85
C THR A 1084 -18.13 13.06 24.57
N LEU A 1085 -18.65 12.17 25.41
CA LEU A 1085 -17.79 11.41 26.32
C LEU A 1085 -18.56 10.20 26.81
N CYS A 1086 -18.08 9.00 26.48
CA CYS A 1086 -18.84 7.80 26.80
C CYS A 1086 -17.93 6.72 27.35
N LEU A 1087 -18.35 6.08 28.44
CA LEU A 1087 -17.52 5.12 29.17
C LEU A 1087 -18.09 3.73 29.02
N GLN A 1088 -17.22 2.76 28.72
CA GLN A 1088 -17.64 1.39 28.48
C GLN A 1088 -16.93 0.45 29.45
N LYS A 1089 -17.72 -0.34 30.18
CA LYS A 1089 -17.22 -1.37 31.11
C LYS A 1089 -16.20 -0.70 32.03
N ASN A 1090 -15.00 -1.25 32.18
CA ASN A 1090 -13.92 -0.61 32.93
C ASN A 1090 -12.61 -0.66 32.15
N THR A 1091 -12.68 -0.81 30.84
CA THR A 1091 -11.51 -0.89 29.99
C THR A 1091 -11.07 0.49 29.49
N ALA A 1092 -12.02 1.29 29.02
CA ALA A 1092 -11.69 2.56 28.40
C ALA A 1092 -12.89 3.50 28.48
N LEU A 1093 -12.59 4.80 28.42
CA LEU A 1093 -13.58 5.83 28.15
C LEU A 1093 -13.20 6.53 26.87
N TRP A 1094 -14.19 6.77 26.00
CA TRP A 1094 -13.92 7.33 24.70
C TRP A 1094 -14.29 8.80 24.80
N ILE A 1095 -13.47 9.68 24.26
CA ILE A 1095 -13.68 11.12 24.33
C ILE A 1095 -13.85 11.63 22.92
N GLY A 1096 -15.09 11.89 22.53
CA GLY A 1096 -15.38 12.42 21.21
C GLY A 1096 -15.13 13.92 21.19
N THR A 1097 -13.87 14.30 21.00
CA THR A 1097 -13.46 15.69 20.97
C THR A 1097 -14.05 16.41 19.78
N GLY A 1098 -14.25 17.73 19.94
CA GLY A 1098 -14.97 18.50 18.94
C GLY A 1098 -14.32 18.55 17.57
N GLY A 1099 -13.04 18.21 17.49
CA GLY A 1099 -12.32 18.24 16.24
C GLY A 1099 -12.48 17.02 15.37
N GLY A 1100 -13.34 16.08 15.76
CA GLY A 1100 -13.53 14.86 15.01
C GLY A 1100 -12.72 13.68 15.50
N HIS A 1101 -12.01 13.82 16.62
CA HIS A 1101 -11.13 12.78 17.13
C HIS A 1101 -11.79 12.08 18.30
N ILE A 1102 -11.97 10.78 18.19
CA ILE A 1102 -12.42 9.97 19.33
C ILE A 1102 -11.17 9.52 20.08
N LEU A 1103 -10.64 10.42 20.88
CA LEU A 1103 -9.43 10.16 21.65
C LEU A 1103 -9.83 9.33 22.86
N LEU A 1104 -9.31 8.12 22.98
CA LEU A 1104 -9.85 7.16 23.93
C LEU A 1104 -8.77 6.69 24.90
N LEU A 1105 -9.14 6.57 26.17
CA LEU A 1105 -8.19 6.31 27.24
C LEU A 1105 -8.53 5.01 27.96
N ASP A 1106 -7.49 4.31 28.40
CA ASP A 1106 -7.64 3.23 29.37
C ASP A 1106 -7.73 3.88 30.75
N LEU A 1107 -8.94 3.91 31.30
CA LEU A 1107 -9.16 4.62 32.55
C LEU A 1107 -8.48 3.99 33.75
N SER A 1108 -7.99 2.75 33.61
CA SER A 1108 -7.30 2.10 34.73
C SER A 1108 -6.02 2.83 35.09
N THR A 1109 -5.26 3.28 34.09
CA THR A 1109 -3.95 3.89 34.33
C THR A 1109 -3.85 5.30 33.76
N ARG A 1110 -4.96 5.85 33.25
CA ARG A 1110 -4.96 7.15 32.60
C ARG A 1110 -3.93 7.19 31.47
N ARG A 1111 -4.07 6.24 30.55
CA ARG A 1111 -3.19 6.10 29.40
C ARG A 1111 -3.99 6.15 28.11
N LEU A 1112 -3.46 6.87 27.14
CA LEU A 1112 -4.10 7.03 25.83
C LEU A 1112 -3.87 5.77 25.01
N ILE A 1113 -4.96 5.16 24.51
CA ILE A 1113 -4.78 3.95 23.71
C ILE A 1113 -4.71 4.29 22.23
N ARG A 1114 -5.68 5.05 21.73
CA ARG A 1114 -5.66 5.40 20.32
C ARG A 1114 -6.42 6.71 20.14
N VAL A 1115 -6.12 7.40 19.05
CA VAL A 1115 -6.60 8.75 18.79
C VAL A 1115 -7.39 8.70 17.49
N ILE A 1116 -8.17 7.63 17.34
CA ILE A 1116 -8.90 7.33 16.11
C ILE A 1116 -9.46 8.60 15.49
N TYR A 1117 -9.38 8.71 14.17
CA TYR A 1117 -9.91 9.84 13.43
C TYR A 1117 -11.03 9.35 12.51
N ASN A 1118 -12.21 9.95 12.63
CA ASN A 1118 -13.38 9.49 11.87
C ASN A 1118 -13.28 9.90 10.40
N PHE A 1119 -12.48 10.91 10.09
CA PHE A 1119 -12.48 11.71 8.86
C PHE A 1119 -13.63 12.70 8.86
N CYS A 1120 -14.56 12.62 9.81
CA CYS A 1120 -15.61 13.63 9.91
C CYS A 1120 -15.14 14.78 10.79
N ASN A 1121 -15.50 16.00 10.38
CA ASN A 1121 -14.85 17.20 10.90
C ASN A 1121 -15.07 17.36 12.41
N SER A 1122 -16.27 17.06 12.89
CA SER A 1122 -16.60 17.20 14.29
C SER A 1122 -17.45 16.01 14.72
N VAL A 1123 -17.53 15.79 16.03
CA VAL A 1123 -18.33 14.70 16.60
C VAL A 1123 -19.22 15.27 17.69
N ARG A 1124 -20.48 14.83 17.71
CA ARG A 1124 -21.49 15.39 18.58
C ARG A 1124 -21.88 14.44 19.70
N VAL A 1125 -22.23 13.19 19.39
CA VAL A 1125 -22.82 12.28 20.36
C VAL A 1125 -22.16 10.92 20.25
N MET A 1126 -22.02 10.24 21.39
CA MET A 1126 -21.47 8.89 21.45
C MET A 1126 -22.29 8.08 22.43
N MET A 1127 -22.88 6.98 21.96
CA MET A 1127 -23.67 6.15 22.85
C MET A 1127 -23.57 4.71 22.41
N THR A 1128 -23.80 3.81 23.37
CA THR A 1128 -23.62 2.39 23.17
C THR A 1128 -24.94 1.74 22.79
N ALA A 1129 -24.89 0.82 21.84
CA ALA A 1129 -26.08 0.10 21.41
C ALA A 1129 -25.82 -1.40 21.41
N GLN A 1130 -26.88 -2.17 21.61
CA GLN A 1130 -26.78 -3.61 21.63
C GLN A 1130 -26.82 -4.21 20.22
N LEU A 1131 -27.49 -3.54 19.29
CA LEU A 1131 -27.61 -3.99 17.90
C LEU A 1131 -28.28 -5.36 17.93
N GLY A 1132 -27.61 -6.44 17.51
CA GLY A 1132 -28.22 -7.75 17.50
C GLY A 1132 -28.21 -8.39 16.11
N LYS A 1135 -24.44 -8.37 19.02
CA LYS A 1135 -23.07 -7.89 19.10
C LYS A 1135 -23.01 -6.46 19.62
N ASN A 1136 -22.26 -6.26 20.70
CA ASN A 1136 -22.16 -4.94 21.31
C ASN A 1136 -21.34 -4.01 20.42
N VAL A 1137 -21.88 -2.82 20.15
CA VAL A 1137 -21.23 -1.80 19.35
C VAL A 1137 -21.35 -0.48 20.09
N MET A 1138 -20.49 0.48 19.73
CA MET A 1138 -20.68 1.85 20.15
C MET A 1138 -20.74 2.72 18.91
N LEU A 1139 -21.79 3.51 18.80
CA LEU A 1139 -22.11 4.20 17.56
C LEU A 1139 -21.96 5.70 17.75
N VAL A 1140 -21.33 6.34 16.78
CA VAL A 1140 -20.82 7.69 16.92
C VAL A 1140 -21.43 8.53 15.82
N LEU A 1141 -21.75 9.78 16.12
CA LEU A 1141 -22.35 10.69 15.14
C LEU A 1141 -21.54 11.97 15.08
N GLY A 1142 -21.23 12.42 13.87
CA GLY A 1142 -20.45 13.62 13.70
C GLY A 1142 -20.89 14.41 12.50
N TYR A 1143 -20.43 15.65 12.44
CA TYR A 1143 -20.66 16.54 11.32
C TYR A 1143 -19.41 16.66 10.46
N ASN A 1144 -19.63 16.96 9.18
CA ASN A 1144 -18.52 17.13 8.26
C ASN A 1144 -18.18 18.61 8.09
N ILE A 1157 -23.31 20.62 4.72
CA ILE A 1157 -22.78 19.94 5.90
C ILE A 1157 -23.40 18.56 6.00
N GLN A 1158 -22.57 17.56 6.30
CA GLN A 1158 -22.98 16.16 6.27
C GLN A 1158 -22.79 15.53 7.64
N SER A 1159 -23.73 14.68 8.03
CA SER A 1159 -23.70 13.99 9.31
C SER A 1159 -23.48 12.50 9.09
N CYS A 1160 -22.44 11.98 9.73
CA CYS A 1160 -21.96 10.62 9.54
C CYS A 1160 -22.13 9.83 10.82
N LEU A 1161 -22.70 8.63 10.70
CA LEU A 1161 -22.99 7.76 11.81
C LEU A 1161 -22.18 6.48 11.67
N THR A 1162 -21.13 6.33 12.45
CA THR A 1162 -20.20 5.22 12.35
C THR A 1162 -20.44 4.27 13.50
N VAL A 1163 -20.75 3.02 13.21
CA VAL A 1163 -21.02 2.01 14.21
C VAL A 1163 -19.75 1.19 14.39
N TRP A 1164 -19.21 1.17 15.59
CA TRP A 1164 -17.92 0.54 15.84
C TRP A 1164 -18.06 -0.66 16.74
N ASP A 1165 -17.32 -1.72 16.44
CA ASP A 1165 -17.31 -2.88 17.30
C ASP A 1165 -16.68 -2.49 18.62
N ILE A 1166 -17.29 -2.93 19.72
CA ILE A 1166 -17.18 -2.26 21.02
C ILE A 1166 -15.78 -2.25 21.60
N ASN A 1167 -14.85 -3.02 21.02
CA ASN A 1167 -13.57 -3.31 21.68
C ASN A 1167 -12.41 -2.79 20.84
N LEU A 1168 -12.50 -1.54 20.38
CA LEU A 1168 -11.34 -0.92 19.75
C LEU A 1168 -10.09 -0.99 20.61
N PRO A 1169 -10.14 -0.72 21.91
CA PRO A 1169 -8.89 -0.83 22.70
C PRO A 1169 -8.29 -2.22 22.69
N HIS A 1170 -9.10 -3.25 22.90
CA HIS A 1170 -8.60 -4.62 22.85
C HIS A 1170 -8.01 -4.92 21.49
N GLU A 1171 -8.67 -4.51 20.42
CA GLU A 1171 -8.14 -4.80 19.09
C GLU A 1171 -6.85 -4.03 18.82
N VAL A 1172 -6.73 -2.82 19.35
CA VAL A 1172 -5.48 -2.09 19.19
C VAL A 1172 -4.34 -2.84 19.86
N GLN A 1173 -4.52 -3.25 21.11
CA GLN A 1173 -3.46 -4.01 21.77
C GLN A 1173 -3.17 -5.31 21.02
N ASN A 1174 -4.20 -6.02 20.59
CA ASN A 1174 -3.98 -7.29 19.91
C ASN A 1174 -3.17 -7.11 18.65
N LEU A 1175 -3.55 -6.14 17.80
CA LEU A 1175 -2.83 -5.97 16.55
C LEU A 1175 -1.43 -5.45 16.79
N GLU A 1176 -1.23 -4.58 17.77
CA GLU A 1176 0.11 -4.06 18.02
C GLU A 1176 1.04 -5.17 18.50
N LYS A 1177 0.56 -6.00 19.43
CA LYS A 1177 1.36 -7.13 19.89
C LYS A 1177 1.61 -8.11 18.76
N HIS A 1178 0.61 -8.35 17.93
CA HIS A 1178 0.75 -9.24 16.79
C HIS A 1178 1.82 -8.74 15.82
N ILE A 1179 1.81 -7.44 15.52
CA ILE A 1179 2.79 -6.90 14.60
C ILE A 1179 4.18 -6.95 15.21
N GLU A 1180 4.31 -6.73 16.52
CA GLU A 1180 5.62 -6.88 17.15
C GLU A 1180 6.12 -8.32 17.05
N VAL A 1181 5.24 -9.29 17.28
CA VAL A 1181 5.63 -10.69 17.15
C VAL A 1181 6.09 -10.99 15.73
N ARG A 1182 5.34 -10.52 14.73
CA ARG A 1182 5.74 -10.72 13.35
C ARG A 1182 7.07 -10.07 13.05
N LYS A 1183 7.30 -8.86 13.54
CA LYS A 1183 8.54 -8.16 13.24
C LYS A 1183 9.73 -8.90 13.84
N GLU A 1184 9.65 -9.29 15.11
CA GLU A 1184 10.78 -10.00 15.69
C GLU A 1184 10.96 -11.36 15.04
N LEU A 1185 9.86 -12.02 14.68
CA LEU A 1185 9.96 -13.31 14.02
C LEU A 1185 10.65 -13.19 12.67
N ALA A 1186 10.31 -12.16 11.90
CA ALA A 1186 10.96 -11.95 10.61
C ALA A 1186 12.44 -11.65 10.79
N GLU A 1187 12.78 -10.79 11.75
CA GLU A 1187 14.18 -10.45 11.95
C GLU A 1187 14.98 -11.69 12.37
N LYS A 1188 14.43 -12.48 13.29
CA LYS A 1188 15.13 -13.68 13.74
C LYS A 1188 15.23 -14.71 12.64
N MET A 1189 14.18 -14.86 11.83
CA MET A 1189 14.23 -15.79 10.70
C MET A 1189 15.33 -15.40 9.72
N ARG A 1190 15.39 -14.11 9.37
CA ARG A 1190 16.41 -13.66 8.44
C ARG A 1190 17.80 -13.77 9.04
N ARG A 1191 17.95 -13.55 10.34
CA ARG A 1191 19.27 -13.61 10.96
C ARG A 1191 19.77 -15.06 11.05
N THR A 1192 18.90 -15.96 11.51
CA THR A 1192 19.32 -17.34 11.75
C THR A 1192 19.45 -18.13 10.45
N SER A 1193 18.55 -17.90 9.49
CA SER A 1193 18.57 -18.70 8.27
C SER A 1193 19.85 -18.47 7.46
N VAL A 1194 20.30 -17.22 7.38
CA VAL A 1194 21.52 -16.92 6.65
C VAL A 1194 22.66 -16.63 7.63
N PRO B 52 1.89 33.72 32.22
CA PRO B 52 2.05 35.18 32.10
C PRO B 52 0.73 35.90 31.83
N LEU B 53 0.57 36.42 30.61
CA LEU B 53 -0.62 37.16 30.27
C LEU B 53 -1.85 36.26 30.22
N HIS B 54 -1.67 34.99 29.82
CA HIS B 54 -2.78 34.07 29.78
C HIS B 54 -3.46 33.93 31.14
N LEU B 55 -2.67 33.70 32.18
CA LEU B 55 -3.24 33.59 33.53
C LEU B 55 -3.64 34.95 34.08
N ALA B 56 -2.85 35.99 33.79
CA ALA B 56 -3.21 37.32 34.26
C ALA B 56 -4.50 37.82 33.63
N ALA B 57 -4.93 37.21 32.54
CA ALA B 57 -6.15 37.56 31.85
C ALA B 57 -7.35 36.74 32.29
N ASP B 58 -7.29 36.10 33.46
CA ASP B 58 -8.41 35.34 34.01
C ASP B 58 -9.01 36.03 35.22
N SER B 59 -8.20 36.30 36.24
CA SER B 59 -8.71 36.99 37.41
C SER B 59 -8.81 38.49 37.15
N GLY B 60 -7.85 39.05 36.43
CA GLY B 60 -7.95 40.42 35.97
C GLY B 60 -7.46 41.48 36.91
N HIS B 61 -6.38 41.24 37.63
CA HIS B 61 -5.84 42.26 38.52
C HIS B 61 -5.30 43.45 37.73
N LEU B 62 -5.57 44.65 38.22
CA LEU B 62 -4.98 45.85 37.63
C LEU B 62 -3.46 45.81 37.75
N GLU B 63 -2.96 45.37 38.91
CA GLU B 63 -1.52 45.37 39.13
C GLU B 63 -0.81 44.41 38.18
N ILE B 64 -1.41 43.24 37.92
CA ILE B 64 -0.77 42.25 37.06
C ILE B 64 -0.61 42.79 35.64
N VAL B 65 -1.71 43.31 35.08
CA VAL B 65 -1.65 43.84 33.72
C VAL B 65 -0.83 45.12 33.64
N GLU B 66 -0.77 45.90 34.73
CA GLU B 66 0.09 47.08 34.75
C GLU B 66 1.57 46.70 34.77
N VAL B 67 1.93 45.68 35.53
CA VAL B 67 3.32 45.21 35.52
C VAL B 67 3.66 44.62 34.15
N LEU B 68 2.71 43.90 33.55
CA LEU B 68 2.92 43.41 32.20
C LEU B 68 2.96 44.55 31.20
N LEU B 69 2.31 45.68 31.52
CA LEU B 69 2.35 46.84 30.64
C LEU B 69 3.76 47.37 30.50
N LYS B 70 4.49 47.46 31.62
CA LYS B 70 5.87 47.93 31.55
C LYS B 70 6.74 46.98 30.73
N THR B 71 6.72 45.69 31.08
CA THR B 71 7.48 44.68 30.35
C THR B 71 6.63 43.44 30.17
N GLY B 72 6.82 42.76 29.06
CA GLY B 72 6.10 41.52 28.83
C GLY B 72 6.23 41.02 27.41
N ALA B 73 5.30 40.14 27.03
CA ALA B 73 5.24 39.57 25.69
C ALA B 73 3.85 39.77 25.12
N ASP B 74 3.34 41.00 25.26
CA ASP B 74 1.96 41.33 24.97
C ASP B 74 1.50 41.02 23.55
N VAL B 75 0.32 40.41 23.45
CA VAL B 75 -0.34 40.01 22.20
C VAL B 75 0.70 39.30 21.33
N ASN B 76 1.61 38.58 21.97
CA ASN B 76 2.74 38.01 21.22
C ASN B 76 3.06 36.57 21.61
N ALA B 77 2.14 35.87 22.26
CA ALA B 77 2.40 34.52 22.73
C ALA B 77 1.23 33.61 22.39
N TRP B 78 1.53 32.32 22.31
CA TRP B 78 0.53 31.27 22.23
C TRP B 78 0.86 30.23 23.28
N ASP B 79 -0.12 29.89 24.11
CA ASP B 79 0.05 28.89 25.15
C ASP B 79 -0.02 27.49 24.53
N HIS B 80 -0.01 26.46 25.38
CA HIS B 80 -0.10 25.10 24.86
C HIS B 80 -1.37 24.89 24.05
N TYR B 81 -2.41 25.67 24.32
CA TYR B 81 -3.68 25.61 23.61
C TYR B 81 -3.74 26.55 22.42
N GLY B 82 -2.97 27.64 22.43
CA GLY B 82 -2.95 28.55 21.32
C GLY B 82 -3.91 29.71 21.41
N PHE B 83 -4.55 29.92 22.55
CA PHE B 83 -5.45 31.06 22.71
C PHE B 83 -4.70 32.38 22.68
N THR B 84 -5.31 33.37 22.08
CA THR B 84 -4.86 34.73 22.24
C THR B 84 -5.16 35.19 23.66
N PRO B 85 -4.16 35.58 24.44
CA PRO B 85 -4.43 36.04 25.82
C PRO B 85 -5.38 37.21 25.85
N LEU B 86 -5.33 38.08 24.84
CA LEU B 86 -6.29 39.17 24.76
C LEU B 86 -7.72 38.65 24.70
N HIS B 87 -8.02 37.76 23.75
CA HIS B 87 -9.43 37.45 23.71
C HIS B 87 -9.79 36.32 24.68
N LEU B 88 -8.79 35.60 25.17
CA LEU B 88 -8.94 34.90 26.43
C LEU B 88 -9.58 35.81 27.47
N ALA B 89 -8.90 36.93 27.79
CA ALA B 89 -9.44 37.88 28.75
C ALA B 89 -10.80 38.39 28.31
N ALA B 90 -11.01 38.49 27.01
CA ALA B 90 -12.29 39.01 26.53
C ALA B 90 -13.44 38.08 26.88
N HIS B 91 -13.30 36.78 26.64
CA HIS B 91 -14.44 35.91 26.91
C HIS B 91 -14.47 35.38 28.34
N VAL B 92 -13.37 35.49 29.08
CA VAL B 92 -13.46 35.22 30.50
C VAL B 92 -14.37 36.23 31.17
N GLY B 93 -14.59 37.37 30.53
CA GLY B 93 -15.56 38.35 30.98
C GLY B 93 -15.02 39.57 31.68
N HIS B 94 -14.00 40.21 31.10
CA HIS B 94 -13.49 41.48 31.62
C HIS B 94 -13.67 42.57 30.58
N LEU B 95 -13.48 43.81 31.04
CA LEU B 95 -13.46 44.98 30.18
C LEU B 95 -12.13 45.71 30.25
N GLU B 96 -11.69 46.10 31.44
CA GLU B 96 -10.53 46.98 31.54
C GLU B 96 -9.25 46.25 31.15
N ILE B 97 -9.14 44.97 31.51
CA ILE B 97 -7.98 44.19 31.10
C ILE B 97 -7.89 44.13 29.59
N VAL B 98 -9.03 43.91 28.95
CA VAL B 98 -9.06 43.81 27.49
C VAL B 98 -8.66 45.14 26.86
N GLU B 99 -9.18 46.26 27.39
CA GLU B 99 -8.85 47.53 26.75
C GLU B 99 -7.39 47.92 26.98
N VAL B 100 -6.85 47.68 28.18
CA VAL B 100 -5.46 48.03 28.43
C VAL B 100 -4.55 47.17 27.56
N LEU B 101 -4.92 45.92 27.36
CA LEU B 101 -4.11 45.07 26.49
C LEU B 101 -4.31 45.42 25.02
N LEU B 102 -5.45 46.02 24.65
CA LEU B 102 -5.61 46.60 23.32
C LEU B 102 -4.72 47.82 23.10
N LYS B 103 -4.61 48.71 24.08
CA LYS B 103 -3.84 49.92 23.82
C LYS B 103 -2.34 49.65 23.73
N ALA B 104 -1.89 48.44 24.05
CA ALA B 104 -0.51 48.05 23.82
C ALA B 104 -0.35 47.02 22.71
N GLY B 105 -1.40 46.29 22.35
CA GLY B 105 -1.30 45.29 21.30
C GLY B 105 -1.99 45.66 20.02
N ALA B 106 -3.19 46.23 20.12
CA ALA B 106 -3.97 46.67 18.96
C ALA B 106 -4.18 45.54 17.95
N ASP B 107 -4.62 44.38 18.45
CA ASP B 107 -4.91 43.23 17.60
C ASP B 107 -6.35 42.82 17.87
N VAL B 108 -7.10 42.58 16.79
CA VAL B 108 -8.50 42.18 16.90
C VAL B 108 -8.72 40.87 16.16
N ASN B 109 -7.87 40.58 15.19
CA ASN B 109 -7.93 39.33 14.44
C ASN B 109 -6.67 38.52 14.70
N ALA B 110 -6.82 37.41 15.41
CA ALA B 110 -5.77 36.43 15.58
C ALA B 110 -6.41 35.07 15.82
N GLN B 111 -5.98 34.08 15.05
CA GLN B 111 -6.59 32.75 15.13
C GLN B 111 -5.92 31.92 16.23
N ASP B 112 -6.48 30.73 16.44
CA ASP B 112 -6.00 29.80 17.45
C ASP B 112 -6.07 28.40 16.84
N HIS B 113 -5.95 27.38 17.71
N HIS B 113 -5.96 27.38 17.70
CA HIS B 113 -5.94 26.01 17.22
CA HIS B 113 -5.93 26.01 17.19
C HIS B 113 -7.23 25.66 16.49
C HIS B 113 -7.23 25.64 16.50
N ALA B 114 -8.37 26.08 17.03
CA ALA B 114 -9.67 25.77 16.45
C ALA B 114 -10.13 26.85 15.48
N GLY B 115 -9.36 27.91 15.29
CA GLY B 115 -9.78 29.01 14.44
C GLY B 115 -10.63 30.05 15.12
N TRP B 116 -10.69 30.05 16.46
CA TRP B 116 -11.48 31.06 17.16
C TRP B 116 -10.79 32.42 17.14
N THR B 117 -11.12 33.25 16.15
CA THR B 117 -10.76 34.64 16.22
C THR B 117 -11.60 35.30 17.31
N PRO B 118 -11.13 36.42 17.87
CA PRO B 118 -11.88 37.05 18.96
C PRO B 118 -13.33 37.34 18.62
N LEU B 119 -13.62 37.79 17.40
CA LEU B 119 -14.99 38.12 17.05
C LEU B 119 -15.87 36.88 17.10
N HIS B 120 -15.35 35.74 16.64
CA HIS B 120 -16.13 34.51 16.61
C HIS B 120 -16.67 34.15 18.00
N LEU B 121 -15.78 33.91 18.96
CA LEU B 121 -16.31 33.41 20.22
C LEU B 121 -16.79 34.54 21.11
N ALA B 122 -16.49 35.80 20.77
CA ALA B 122 -17.17 36.91 21.40
C ALA B 122 -18.65 36.89 21.04
N ALA B 123 -18.96 36.65 19.77
CA ALA B 123 -20.36 36.49 19.37
C ALA B 123 -20.95 35.21 19.96
N LEU B 124 -20.14 34.16 20.08
CA LEU B 124 -20.63 32.90 20.63
C LEU B 124 -21.02 33.04 22.10
N TYR B 125 -20.21 33.74 22.88
CA TYR B 125 -20.43 33.85 24.32
C TYR B 125 -21.45 34.91 24.70
N GLY B 126 -22.01 35.62 23.73
CA GLY B 126 -23.05 36.60 24.00
C GLY B 126 -22.61 37.76 24.88
N HIS B 127 -21.46 38.34 24.57
CA HIS B 127 -20.97 39.52 25.28
C HIS B 127 -21.30 40.75 24.44
N LEU B 128 -22.17 41.62 24.97
CA LEU B 128 -22.73 42.70 24.16
C LEU B 128 -21.73 43.82 23.94
N GLU B 129 -20.92 44.15 24.95
CA GLU B 129 -20.09 45.35 24.91
C GLU B 129 -18.62 45.09 24.62
N ILE B 130 -18.03 44.00 25.10
CA ILE B 130 -16.61 43.81 24.87
C ILE B 130 -16.32 43.57 23.40
N VAL B 131 -17.26 42.99 22.66
CA VAL B 131 -17.06 42.84 21.22
C VAL B 131 -16.92 44.20 20.57
N GLU B 132 -17.74 45.18 20.97
CA GLU B 132 -17.62 46.52 20.44
C GLU B 132 -16.34 47.18 20.91
N VAL B 133 -15.90 46.87 22.13
CA VAL B 133 -14.64 47.43 22.63
C VAL B 133 -13.47 46.97 21.78
N LEU B 134 -13.46 45.70 21.37
CA LEU B 134 -12.47 45.27 20.39
C LEU B 134 -12.78 45.85 19.01
N LEU B 135 -14.02 46.22 18.75
CA LEU B 135 -14.32 46.84 17.46
C LEU B 135 -13.74 48.25 17.35
N LYS B 136 -13.90 49.08 18.37
CA LYS B 136 -13.44 50.47 18.29
C LYS B 136 -11.91 50.55 18.27
N HIS B 137 -11.26 49.87 19.21
CA HIS B 137 -9.81 49.91 19.32
C HIS B 137 -9.22 48.65 18.71
N GLY B 138 -8.06 48.81 18.09
CA GLY B 138 -7.51 47.75 17.25
C GLY B 138 -8.25 47.55 15.95
N ALA B 139 -9.17 48.46 15.61
CA ALA B 139 -9.97 48.40 14.40
C ALA B 139 -10.85 47.17 14.41
N ASP B 140 -11.32 46.75 13.23
CA ASP B 140 -12.17 45.56 13.13
C ASP B 140 -12.15 44.95 11.73
N VAL B 141 -11.90 43.65 11.67
CA VAL B 141 -11.97 42.87 10.43
C VAL B 141 -12.60 41.52 10.75
N ASN B 142 -13.49 41.07 9.88
CA ASN B 142 -14.08 39.75 10.00
C ASN B 142 -13.05 38.68 9.62
N ALA B 143 -13.30 37.45 10.05
CA ALA B 143 -12.36 36.37 9.84
C ALA B 143 -13.13 35.06 9.70
N GLN B 144 -12.39 33.94 9.66
CA GLN B 144 -12.96 32.64 9.39
C GLN B 144 -12.31 31.60 10.29
N ASP B 145 -13.12 30.67 10.81
CA ASP B 145 -12.64 29.56 11.61
C ASP B 145 -12.52 28.31 10.74
N MET B 146 -12.17 27.19 11.35
CA MET B 146 -11.87 25.99 10.58
C MET B 146 -13.11 25.24 10.10
N TRP B 147 -14.28 25.52 10.67
CA TRP B 147 -15.50 24.84 10.24
C TRP B 147 -16.28 25.63 9.21
N GLY B 148 -15.90 26.88 8.94
CA GLY B 148 -16.67 27.70 8.03
C GLY B 148 -17.86 28.33 8.73
N GLU B 149 -17.62 29.00 9.84
CA GLU B 149 -18.67 29.62 10.63
C GLU B 149 -18.35 31.10 10.82
N THR B 150 -19.37 31.93 10.66
CA THR B 150 -19.28 33.37 10.81
C THR B 150 -19.84 33.80 12.15
N PRO B 151 -19.35 34.91 12.71
CA PRO B 151 -19.83 35.32 14.05
C PRO B 151 -21.32 35.61 14.10
N PHE B 152 -21.95 35.91 12.97
CA PHE B 152 -23.39 36.11 12.98
C PHE B 152 -24.12 34.84 13.38
N ASP B 153 -23.70 33.69 12.85
CA ASP B 153 -24.34 32.42 13.20
C ASP B 153 -24.11 32.07 14.66
N LEU B 154 -22.89 32.30 15.15
CA LEU B 154 -22.58 32.00 16.55
C LEU B 154 -23.37 32.87 17.50
N ALA B 155 -23.60 34.13 17.14
CA ALA B 155 -24.35 35.05 17.99
C ALA B 155 -25.81 34.64 18.09
N ASP B 162 -28.36 40.02 19.02
CA ASP B 162 -27.82 41.28 19.49
C ASP B 162 -26.46 41.60 18.89
N ILE B 163 -25.56 40.62 18.87
CA ILE B 163 -24.24 40.84 18.29
C ILE B 163 -24.34 40.87 16.76
N ALA B 164 -25.26 40.11 16.19
CA ALA B 164 -25.38 40.05 14.74
C ALA B 164 -25.70 41.42 14.15
N GLU B 165 -26.59 42.16 14.81
CA GLU B 165 -26.90 43.52 14.35
C GLU B 165 -25.68 44.43 14.43
N VAL B 166 -24.87 44.26 15.47
CA VAL B 166 -23.64 45.03 15.57
C VAL B 166 -22.68 44.65 14.45
N LEU B 167 -22.68 43.38 14.07
CA LEU B 167 -21.82 42.94 12.97
C LEU B 167 -22.19 43.63 11.67
N GLN B 168 -23.48 43.76 11.39
CA GLN B 168 -23.91 44.39 10.14
C GLN B 168 -23.47 45.84 10.06
N LYS B 169 -23.60 46.59 11.16
CA LYS B 169 -23.22 47.99 11.14
C LYS B 169 -21.70 48.17 11.18
N ALA B 170 -20.99 47.29 11.89
CA ALA B 170 -19.53 47.34 11.83
C ALA B 170 -19.03 46.97 10.44
N ALA B 171 -19.61 45.95 9.83
CA ALA B 171 -19.21 45.53 8.50
C ALA B 171 -19.97 46.32 7.45
C13 A1A7Q C . 4.35 -26.71 -1.73
C15 A1A7Q C . 4.35 -26.80 0.83
C17 A1A7Q C . 2.16 -27.28 1.29
C21 A1A7Q C . 0.23 -28.27 -3.02
C22 A1A7Q C . -1.11 -27.63 -3.39
C24 A1A7Q C . -0.09 -25.50 -3.50
C01 A1A7Q C . 9.80 -22.24 -10.66
C02 A1A7Q C . 9.45 -21.73 -9.27
C03 A1A7Q C . 10.36 -20.74 -8.57
C04 A1A7Q C . 10.04 -20.31 -7.36
C05 A1A7Q C . 8.77 -20.81 -6.69
C07 A1A7Q C . 8.07 -21.09 -4.25
C09 A1A7Q C . 6.83 -23.24 -3.69
C11 A1A7Q C . 5.92 -25.63 -3.28
C12 A1A7Q C . 5.40 -25.65 -2.07
C14 A1A7Q C . 3.68 -26.87 -0.37
C18 A1A7Q C . 2.22 -27.20 -0.14
C19 A1A7Q C . 1.07 -27.42 -0.85
C25 A1A7Q C . 1.18 -26.00 -2.85
C27 A1A7Q C . -0.05 -27.74 1.14
C30 A1A7Q C . 4.04 -27.61 -2.64
C31 A1A7Q C . 4.64 -27.58 -4.04
C32 A1A7Q C . 5.52 -26.67 -4.32
C34 A1A7Q C . 7.84 -20.24 -3.21
C35 A1A7Q C . 8.06 -18.91 -3.69
C36 A1A7Q C . 7.93 -17.65 -2.88
C37 A1A7Q C . 8.83 -17.77 -1.66
C38 A1A7Q C . 6.47 -17.49 -2.45
C39 A1A7Q C . 8.34 -16.46 -3.72
C41 A1A7Q C . 7.98 -21.66 -7.30
C42 A1A7Q C . 8.35 -22.16 -8.68
N06 A1A7Q C . 8.44 -20.32 -5.37
N08 A1A7Q C . 7.98 -22.52 -4.20
N10 A1A7Q C . 6.92 -24.67 -3.71
N16 A1A7Q C . 3.42 -27.04 1.73
N20 A1A7Q C . 1.05 -27.33 -2.30
N26 A1A7Q C . -0.04 -27.68 -0.20
N29 A1A7Q C . 1.03 -27.55 1.89
N40 A1A7Q C . 8.42 -18.98 -5.00
O23 A1A7Q C . -1.17 -26.28 -3.03
O33 A1A7Q C . 5.87 -22.68 -3.30
CL28 A1A7Q C . -1.60 -28.10 1.94
#